data_6XKB
#
_entry.id   6XKB
#
_cell.length_a   70.718
_cell.length_b   46.923
_cell.length_c   139.250
_cell.angle_alpha   90.000
_cell.angle_beta   92.300
_cell.angle_gamma   90.000
#
_symmetry.space_group_name_H-M   'P 1 21 1'
#
loop_
_entity.id
_entity.type
_entity.pdbx_description
1 polymer 'SR-related and CTD-associated factor 4'
2 polymer 'S2,S5p-CTD peptide'
3 non-polymer 'UNKNOWN ATOM OR ION'
4 water water
#
loop_
_entity_poly.entity_id
_entity_poly.type
_entity_poly.pdbx_seq_one_letter_code
_entity_poly.pdbx_strand_id
1 'polypeptide(L)'
;GMDAVNAFNQELFSLMDMKPPISRAKMILITKAAIKAIKLYKHVVQIVEKFIKKCKPEYKVPGLYVIDSIVRQSRHQFGT
DKDVFGPRFSKNITATFQYLYLCPSEDKSKIVRVLNLWQKNGVFKIEIIQPLLDMAAGTS
;
A,B,C,D,E
2 'polypeptide(L)' (BTN)SPSY(SEP)PT(SEP)PSY(SEP)PT(SEP)PSYS F,G,I,J,K
#
loop_
_chem_comp.id
_chem_comp.type
_chem_comp.name
_chem_comp.formula
BTN non-polymer BIOTIN 'C10 H16 N2 O3 S'
UNX non-polymer 'UNKNOWN ATOM OR ION' ?
#
# COMPACT_ATOMS: atom_id res chain seq x y z
N GLY A 1 12.88 -14.72 10.63
CA GLY A 1 13.08 -13.55 9.74
C GLY A 1 14.09 -13.85 8.64
N MET A 2 14.65 -12.81 8.06
CA MET A 2 15.55 -13.00 6.91
C MET A 2 16.91 -13.52 7.42
N ASP A 3 17.25 -13.37 8.70
CA ASP A 3 18.45 -14.05 9.25
C ASP A 3 18.28 -15.58 9.10
N ALA A 4 17.11 -16.14 9.43
CA ALA A 4 16.86 -17.60 9.29
C ALA A 4 16.93 -18.00 7.80
N VAL A 5 16.45 -17.15 6.89
CA VAL A 5 16.55 -17.43 5.44
C VAL A 5 18.03 -17.46 5.04
N ASN A 6 18.80 -16.47 5.48
CA ASN A 6 20.24 -16.43 5.14
C ASN A 6 20.93 -17.68 5.66
N ALA A 7 20.58 -18.12 6.87
CA ALA A 7 21.23 -19.31 7.50
C ALA A 7 20.87 -20.56 6.68
N PHE A 8 19.66 -20.63 6.17
CA PHE A 8 19.28 -21.77 5.29
C PHE A 8 20.12 -21.71 4.01
N ASN A 9 20.22 -20.55 3.39
CA ASN A 9 21.03 -20.39 2.16
C ASN A 9 22.45 -20.92 2.42
N GLN A 10 23.02 -20.50 3.54
CA GLN A 10 24.42 -20.90 3.90
C GLN A 10 24.49 -22.40 4.07
N GLU A 11 23.52 -23.01 4.73
CA GLU A 11 23.57 -24.47 5.03
C GLU A 11 23.46 -25.25 3.72
N LEU A 12 22.56 -24.84 2.85
CA LEU A 12 22.36 -25.57 1.57
C LEU A 12 23.54 -25.34 0.63
N PHE A 13 23.96 -24.10 0.39
CA PHE A 13 25.00 -23.83 -0.63
C PHE A 13 26.38 -24.38 -0.19
N SER A 14 26.56 -24.67 1.09
CA SER A 14 27.80 -25.29 1.61
C SER A 14 27.96 -26.68 0.97
N LEU A 15 26.87 -27.29 0.50
CA LEU A 15 26.98 -28.60 -0.20
C LEU A 15 27.90 -28.52 -1.41
N MET A 16 28.02 -27.39 -2.06
CA MET A 16 28.76 -27.30 -3.35
C MET A 16 30.25 -27.58 -3.12
N ASP A 17 30.71 -27.56 -1.87
CA ASP A 17 32.14 -27.81 -1.56
C ASP A 17 32.29 -29.16 -0.89
N MET A 18 31.24 -29.98 -0.86
CA MET A 18 31.25 -31.31 -0.25
C MET A 18 31.09 -32.36 -1.37
N LYS A 19 31.75 -33.50 -1.22
CA LYS A 19 31.68 -34.57 -2.24
C LYS A 19 30.41 -35.38 -2.01
N PRO A 20 29.53 -35.55 -3.02
CA PRO A 20 28.38 -36.43 -2.85
C PRO A 20 28.86 -37.87 -2.74
N PRO A 21 28.08 -38.83 -2.21
CA PRO A 21 26.74 -38.58 -1.70
C PRO A 21 26.77 -37.82 -0.38
N ILE A 22 25.74 -37.05 -0.16
CA ILE A 22 25.64 -36.20 1.05
C ILE A 22 25.07 -37.01 2.21
N SER A 23 25.62 -36.72 3.38
CA SER A 23 25.40 -37.49 4.61
C SER A 23 23.98 -37.28 5.12
N ARG A 24 23.45 -38.26 5.83
CA ARG A 24 22.22 -38.11 6.65
C ARG A 24 22.39 -36.89 7.58
N ALA A 25 23.55 -36.77 8.26
CA ALA A 25 23.75 -35.69 9.26
C ALA A 25 23.66 -34.31 8.60
N LYS A 26 24.27 -34.16 7.44
CA LYS A 26 24.24 -32.86 6.74
C LYS A 26 22.80 -32.56 6.33
N MET A 27 22.07 -33.56 5.82
N MET A 27 22.07 -33.56 5.84
CA MET A 27 20.67 -33.37 5.38
CA MET A 27 20.68 -33.34 5.36
C MET A 27 19.84 -32.88 6.57
C MET A 27 19.78 -32.95 6.54
N ILE A 28 20.08 -33.45 7.74
CA ILE A 28 19.33 -33.05 8.98
C ILE A 28 19.61 -31.58 9.27
N LEU A 29 20.86 -31.15 9.17
CA LEU A 29 21.22 -29.72 9.38
C LEU A 29 20.43 -28.85 8.40
N ILE A 30 20.44 -29.19 7.11
CA ILE A 30 19.71 -28.40 6.08
C ILE A 30 18.21 -28.37 6.40
N THR A 31 17.64 -29.51 6.75
CA THR A 31 16.19 -29.65 7.03
C THR A 31 15.82 -28.86 8.29
N LYS A 32 16.63 -28.93 9.34
CA LYS A 32 16.36 -28.14 10.57
C LYS A 32 16.36 -26.64 10.21
N ALA A 33 17.29 -26.21 9.37
CA ALA A 33 17.39 -24.80 8.97
C ALA A 33 16.17 -24.40 8.14
N ALA A 34 15.66 -25.28 7.29
CA ALA A 34 14.45 -25.02 6.49
C ALA A 34 13.28 -24.78 7.46
N ILE A 35 13.11 -25.68 8.42
CA ILE A 35 11.97 -25.63 9.37
C ILE A 35 12.11 -24.39 10.27
N LYS A 36 13.32 -24.03 10.69
CA LYS A 36 13.55 -22.77 11.43
C LYS A 36 13.03 -21.55 10.63
N ALA A 37 13.12 -21.58 9.30
CA ALA A 37 12.73 -20.49 8.39
C ALA A 37 11.29 -20.70 7.85
N ILE A 38 10.48 -21.53 8.47
CA ILE A 38 9.18 -21.96 7.86
C ILE A 38 8.21 -20.77 7.70
N LYS A 39 8.31 -19.71 8.50
CA LYS A 39 7.41 -18.53 8.32
C LYS A 39 7.81 -17.79 7.06
N LEU A 40 8.97 -18.13 6.49
CA LEU A 40 9.45 -17.60 5.19
C LEU A 40 9.67 -18.78 4.25
N TYR A 41 8.76 -19.74 4.26
CA TYR A 41 8.86 -20.96 3.42
C TYR A 41 9.01 -20.60 1.94
N LYS A 42 8.39 -19.51 1.45
CA LYS A 42 8.49 -19.17 0.01
C LYS A 42 9.96 -18.89 -0.35
N HIS A 43 10.67 -18.26 0.56
CA HIS A 43 12.11 -17.97 0.36
C HIS A 43 12.89 -19.28 0.36
N VAL A 44 12.55 -20.17 1.30
CA VAL A 44 13.24 -21.49 1.37
C VAL A 44 13.06 -22.21 0.03
N VAL A 45 11.82 -22.26 -0.46
CA VAL A 45 11.56 -22.99 -1.73
C VAL A 45 12.37 -22.34 -2.86
N GLN A 46 12.38 -21.01 -2.94
CA GLN A 46 13.11 -20.29 -4.00
C GLN A 46 14.59 -20.68 -3.94
N ILE A 47 15.16 -20.76 -2.74
CA ILE A 47 16.61 -21.06 -2.56
C ILE A 47 16.88 -22.48 -3.03
N VAL A 48 16.04 -23.43 -2.68
CA VAL A 48 16.24 -24.82 -3.12
C VAL A 48 16.16 -24.90 -4.67
N GLU A 49 15.17 -24.22 -5.26
CA GLU A 49 15.02 -24.23 -6.73
C GLU A 49 16.25 -23.58 -7.38
N LYS A 50 16.78 -22.49 -6.80
N LYS A 50 16.78 -22.51 -6.79
CA LYS A 50 18.01 -21.81 -7.30
CA LYS A 50 18.00 -21.82 -7.30
C LYS A 50 19.18 -22.79 -7.24
C LYS A 50 19.19 -22.79 -7.23
N PHE A 51 19.32 -23.51 -6.13
CA PHE A 51 20.38 -24.52 -5.95
C PHE A 51 20.32 -25.52 -7.10
N ILE A 52 19.14 -26.04 -7.38
CA ILE A 52 18.94 -27.10 -8.40
C ILE A 52 19.22 -26.50 -9.79
N LYS A 53 18.84 -25.27 -10.04
CA LYS A 53 19.12 -24.62 -11.36
C LYS A 53 20.63 -24.45 -11.52
N LYS A 54 21.33 -24.04 -10.47
CA LYS A 54 22.72 -23.52 -10.60
C LYS A 54 23.76 -24.63 -10.40
N CYS A 55 23.44 -25.72 -9.71
CA CYS A 55 24.46 -26.64 -9.21
C CYS A 55 25.04 -27.48 -10.35
N LYS A 56 26.25 -28.00 -10.12
N LYS A 56 26.25 -27.99 -10.12
CA LYS A 56 26.89 -29.00 -11.00
CA LYS A 56 26.88 -28.99 -11.01
C LYS A 56 26.03 -30.24 -11.05
C LYS A 56 26.00 -30.24 -11.06
N PRO A 57 26.08 -31.02 -12.15
CA PRO A 57 25.17 -32.15 -12.31
C PRO A 57 25.24 -33.20 -11.18
N GLU A 58 26.40 -33.36 -10.56
N GLU A 58 26.40 -33.39 -10.54
CA GLU A 58 26.59 -34.33 -9.45
CA GLU A 58 26.56 -34.36 -9.43
C GLU A 58 25.70 -33.94 -8.26
C GLU A 58 25.80 -33.90 -8.18
N TYR A 59 25.27 -32.68 -8.17
CA TYR A 59 24.48 -32.18 -7.01
C TYR A 59 22.98 -32.18 -7.31
N LYS A 60 22.54 -32.65 -8.47
CA LYS A 60 21.07 -32.67 -8.76
C LYS A 60 20.38 -33.64 -7.79
N VAL A 61 20.92 -34.85 -7.61
CA VAL A 61 20.27 -35.84 -6.71
C VAL A 61 20.28 -35.30 -5.27
N PRO A 62 21.41 -34.79 -4.73
CA PRO A 62 21.39 -34.13 -3.43
C PRO A 62 20.28 -33.06 -3.32
N GLY A 63 20.08 -32.28 -4.38
CA GLY A 63 19.02 -31.24 -4.41
C GLY A 63 17.65 -31.86 -4.28
N LEU A 64 17.40 -32.94 -5.01
CA LEU A 64 16.10 -33.64 -4.90
C LEU A 64 15.94 -34.20 -3.48
N TYR A 65 17.01 -34.74 -2.90
CA TYR A 65 16.94 -35.28 -1.53
C TYR A 65 16.60 -34.19 -0.52
N VAL A 66 17.05 -32.96 -0.77
CA VAL A 66 16.69 -31.80 0.10
C VAL A 66 15.17 -31.59 0.01
N ILE A 67 14.59 -31.60 -1.20
CA ILE A 67 13.13 -31.45 -1.33
C ILE A 67 12.46 -32.57 -0.53
N ASP A 68 12.86 -33.82 -0.79
CA ASP A 68 12.26 -34.99 -0.11
C ASP A 68 12.33 -34.81 1.41
N SER A 69 13.49 -34.48 1.91
CA SER A 69 13.70 -34.42 3.37
C SER A 69 12.80 -33.31 3.95
N ILE A 70 12.81 -32.14 3.33
CA ILE A 70 12.04 -30.98 3.87
C ILE A 70 10.55 -31.31 3.85
N VAL A 71 10.05 -31.75 2.71
CA VAL A 71 8.59 -31.99 2.55
C VAL A 71 8.19 -33.08 3.55
N ARG A 72 8.92 -34.18 3.62
CA ARG A 72 8.53 -35.26 4.58
C ARG A 72 8.62 -34.76 6.02
N GLN A 73 9.65 -34.00 6.39
CA GLN A 73 9.84 -33.55 7.79
C GLN A 73 8.66 -32.64 8.14
N SER A 74 8.30 -31.74 7.23
CA SER A 74 7.20 -30.78 7.45
C SER A 74 5.86 -31.51 7.58
N ARG A 75 5.57 -32.42 6.67
CA ARG A 75 4.36 -33.28 6.78
C ARG A 75 4.36 -34.02 8.12
N HIS A 76 5.52 -34.52 8.57
CA HIS A 76 5.61 -35.27 9.84
C HIS A 76 5.30 -34.34 11.02
N GLN A 77 5.90 -33.16 11.03
CA GLN A 77 5.92 -32.26 12.19
C GLN A 77 4.58 -31.52 12.29
N PHE A 78 3.99 -31.14 11.17
CA PHE A 78 2.84 -30.21 11.11
C PHE A 78 1.58 -30.93 10.65
N GLY A 79 1.70 -32.10 10.03
CA GLY A 79 0.57 -32.82 9.43
C GLY A 79 0.50 -32.68 7.93
N THR A 80 -0.08 -33.67 7.26
CA THR A 80 -0.10 -33.75 5.79
C THR A 80 -0.92 -32.61 5.22
N ASP A 81 -1.99 -32.24 5.92
CA ASP A 81 -2.97 -31.19 5.54
C ASP A 81 -2.40 -29.78 5.75
N LYS A 82 -1.52 -29.58 6.73
CA LYS A 82 -1.04 -28.23 7.14
C LYS A 82 0.33 -27.92 6.52
N ASP A 83 1.02 -28.92 6.00
CA ASP A 83 2.37 -28.70 5.36
C ASP A 83 2.29 -27.61 4.28
N VAL A 84 3.16 -26.61 4.38
CA VAL A 84 3.30 -25.49 3.39
C VAL A 84 4.30 -25.84 2.29
N PHE A 85 5.20 -26.79 2.53
CA PHE A 85 6.35 -26.99 1.60
C PHE A 85 5.94 -27.78 0.35
N GLY A 86 5.28 -28.91 0.50
CA GLY A 86 4.84 -29.69 -0.67
C GLY A 86 4.05 -28.85 -1.67
N PRO A 87 2.97 -28.16 -1.21
CA PRO A 87 2.18 -27.34 -2.12
C PRO A 87 3.02 -26.26 -2.80
N ARG A 88 3.98 -25.68 -2.08
CA ARG A 88 4.79 -24.58 -2.64
C ARG A 88 5.78 -25.15 -3.67
N PHE A 89 6.44 -26.24 -3.36
CA PHE A 89 7.36 -26.90 -4.32
C PHE A 89 6.60 -27.36 -5.56
N SER A 90 5.31 -27.68 -5.43
N SER A 90 5.31 -27.68 -5.43
CA SER A 90 4.50 -28.21 -6.56
CA SER A 90 4.48 -28.18 -6.56
C SER A 90 4.32 -27.14 -7.66
C SER A 90 4.36 -27.14 -7.67
N LYS A 91 4.38 -25.84 -7.33
CA LYS A 91 4.11 -24.77 -8.32
C LYS A 91 5.10 -24.84 -9.48
N ASN A 92 6.39 -25.00 -9.21
CA ASN A 92 7.41 -24.97 -10.29
C ASN A 92 8.00 -26.37 -10.52
N ILE A 93 7.29 -27.42 -10.11
CA ILE A 93 7.87 -28.78 -10.07
C ILE A 93 8.29 -29.25 -11.48
N THR A 94 7.55 -28.91 -12.53
CA THR A 94 7.97 -29.33 -13.91
C THR A 94 9.37 -28.78 -14.19
N ALA A 95 9.56 -27.49 -14.00
CA ALA A 95 10.85 -26.83 -14.28
C ALA A 95 11.93 -27.46 -13.39
N THR A 96 11.60 -27.70 -12.13
CA THR A 96 12.58 -28.31 -11.19
C THR A 96 13.08 -29.64 -11.75
N PHE A 97 12.18 -30.51 -12.17
CA PHE A 97 12.54 -31.87 -12.65
C PHE A 97 13.25 -31.79 -14.01
N GLN A 98 12.93 -30.82 -14.85
CA GLN A 98 13.68 -30.65 -16.12
C GLN A 98 15.17 -30.44 -15.78
N TYR A 99 15.47 -29.69 -14.71
CA TYR A 99 16.85 -29.47 -14.24
C TYR A 99 17.42 -30.76 -13.63
N LEU A 100 16.63 -31.45 -12.80
CA LEU A 100 17.13 -32.67 -12.09
C LEU A 100 17.56 -33.72 -13.10
N TYR A 101 16.85 -33.85 -14.21
CA TYR A 101 17.15 -34.91 -15.21
C TYR A 101 18.34 -34.50 -16.06
N LEU A 102 19.02 -33.39 -15.79
CA LEU A 102 20.35 -33.08 -16.40
C LEU A 102 21.50 -33.78 -15.64
N CYS A 103 21.16 -34.53 -14.59
CA CYS A 103 22.11 -35.32 -13.78
C CYS A 103 22.83 -36.33 -14.67
N PRO A 104 23.96 -36.88 -14.20
CA PRO A 104 24.63 -37.94 -14.95
C PRO A 104 23.73 -39.17 -15.04
N SER A 105 23.90 -39.96 -16.11
CA SER A 105 23.06 -41.16 -16.43
C SER A 105 22.85 -42.05 -15.21
N GLU A 106 23.88 -42.31 -14.42
CA GLU A 106 23.81 -43.27 -13.29
C GLU A 106 22.95 -42.72 -12.15
N ASP A 107 22.63 -41.43 -12.19
CA ASP A 107 21.79 -40.80 -11.14
C ASP A 107 20.31 -40.79 -11.53
N LYS A 108 19.94 -41.02 -12.79
CA LYS A 108 18.51 -40.95 -13.19
C LYS A 108 17.66 -41.92 -12.37
N SER A 109 18.15 -43.14 -12.11
CA SER A 109 17.41 -44.18 -11.37
C SER A 109 17.08 -43.66 -9.96
N LYS A 110 17.94 -42.78 -9.41
CA LYS A 110 17.78 -42.28 -8.02
C LYS A 110 16.61 -41.30 -8.02
N ILE A 111 16.44 -40.55 -9.09
CA ILE A 111 15.31 -39.60 -9.22
C ILE A 111 14.01 -40.40 -9.33
N VAL A 112 13.97 -41.39 -10.21
CA VAL A 112 12.78 -42.26 -10.41
C VAL A 112 12.42 -42.97 -9.10
N ARG A 113 13.41 -43.37 -8.30
CA ARG A 113 13.16 -44.07 -7.03
C ARG A 113 12.40 -43.12 -6.08
N VAL A 114 12.83 -41.86 -6.00
CA VAL A 114 12.17 -40.88 -5.11
C VAL A 114 10.74 -40.63 -5.61
N LEU A 115 10.51 -40.46 -6.91
CA LEU A 115 9.15 -40.22 -7.46
C LEU A 115 8.25 -41.41 -7.09
N ASN A 116 8.77 -42.64 -7.18
CA ASN A 116 7.95 -43.84 -6.89
C ASN A 116 7.61 -43.88 -5.39
N LEU A 117 8.54 -43.49 -4.52
CA LEU A 117 8.25 -43.37 -3.06
C LEU A 117 7.20 -42.29 -2.82
N TRP A 118 7.31 -41.13 -3.47
CA TRP A 118 6.32 -40.04 -3.33
C TRP A 118 4.92 -40.55 -3.73
N GLN A 119 4.82 -41.25 -4.87
CA GLN A 119 3.53 -41.81 -5.37
C GLN A 119 2.97 -42.77 -4.32
N LYS A 120 3.79 -43.72 -3.85
CA LYS A 120 3.33 -44.84 -2.98
C LYS A 120 2.88 -44.26 -1.63
N ASN A 121 3.52 -43.19 -1.16
CA ASN A 121 3.23 -42.59 0.16
C ASN A 121 2.29 -41.39 0.06
N GLY A 122 1.80 -41.04 -1.12
CA GLY A 122 0.83 -39.94 -1.31
C GLY A 122 1.43 -38.57 -1.04
N VAL A 123 2.75 -38.43 -1.15
CA VAL A 123 3.41 -37.12 -0.88
C VAL A 123 2.89 -36.09 -1.89
N PHE A 124 2.70 -36.50 -3.14
CA PHE A 124 2.01 -35.75 -4.21
C PHE A 124 1.03 -36.70 -4.91
N LYS A 125 -0.01 -36.13 -5.53
CA LYS A 125 -1.03 -36.87 -6.31
C LYS A 125 -0.37 -37.44 -7.58
N ILE A 126 -0.94 -38.52 -8.13
CA ILE A 126 -0.46 -39.15 -9.39
C ILE A 126 -0.51 -38.16 -10.56
N GLU A 127 -1.42 -37.19 -10.54
CA GLU A 127 -1.55 -36.13 -11.58
C GLU A 127 -0.24 -35.32 -11.67
N ILE A 128 0.45 -35.19 -10.55
CA ILE A 128 1.75 -34.46 -10.44
C ILE A 128 2.90 -35.42 -10.75
N ILE A 129 2.87 -36.61 -10.18
CA ILE A 129 4.02 -37.58 -10.25
C ILE A 129 4.12 -38.15 -11.66
N GLN A 130 3.01 -38.54 -12.29
CA GLN A 130 3.11 -39.33 -13.54
C GLN A 130 3.89 -38.56 -14.61
N PRO A 131 3.60 -37.27 -14.87
CA PRO A 131 4.33 -36.55 -15.90
C PRO A 131 5.84 -36.44 -15.58
N LEU A 132 6.18 -36.44 -14.30
CA LEU A 132 7.62 -36.37 -13.87
C LEU A 132 8.27 -37.72 -14.16
N LEU A 133 7.56 -38.84 -13.93
CA LEU A 133 8.06 -40.18 -14.34
C LEU A 133 8.17 -40.28 -15.86
N ASP A 134 7.18 -39.77 -16.60
CA ASP A 134 7.16 -39.76 -18.09
C ASP A 134 8.39 -39.02 -18.63
N MET A 135 8.80 -37.95 -17.94
CA MET A 135 9.96 -37.11 -18.30
C MET A 135 11.25 -37.96 -18.29
N ALA A 136 11.36 -39.00 -17.45
CA ALA A 136 12.54 -39.88 -17.39
C ALA A 136 12.63 -40.71 -18.68
N GLY B 1 -21.89 11.47 33.84
CA GLY B 1 -21.67 10.04 33.47
C GLY B 1 -21.81 9.82 31.97
N MET B 2 -22.17 8.61 31.56
CA MET B 2 -22.15 8.21 30.14
C MET B 2 -23.41 8.76 29.45
N ASP B 3 -24.46 9.15 30.19
CA ASP B 3 -25.61 9.87 29.57
C ASP B 3 -25.12 11.18 28.93
N ALA B 4 -24.30 11.96 29.64
CA ALA B 4 -23.76 13.25 29.12
C ALA B 4 -22.86 12.99 27.91
N VAL B 5 -22.04 11.95 27.93
CA VAL B 5 -21.18 11.56 26.76
C VAL B 5 -22.10 11.20 25.58
N ASN B 6 -23.14 10.39 25.82
CA ASN B 6 -24.06 9.95 24.74
C ASN B 6 -24.77 11.18 24.14
N ALA B 7 -25.15 12.16 24.97
CA ALA B 7 -25.83 13.41 24.52
C ALA B 7 -24.86 14.20 23.64
N PHE B 8 -23.58 14.26 24.02
CA PHE B 8 -22.58 14.93 23.17
C PHE B 8 -22.48 14.21 21.82
N ASN B 9 -22.36 12.88 21.87
CA ASN B 9 -22.24 12.05 20.65
C ASN B 9 -23.41 12.36 19.71
N GLN B 10 -24.62 12.42 20.25
CA GLN B 10 -25.85 12.68 19.47
C GLN B 10 -25.76 14.07 18.86
N GLU B 11 -25.40 15.07 19.64
CA GLU B 11 -25.40 16.47 19.15
C GLU B 11 -24.38 16.62 18.01
N LEU B 12 -23.19 16.03 18.15
CA LEU B 12 -22.14 16.18 17.11
C LEU B 12 -22.50 15.39 15.87
N PHE B 13 -22.87 14.10 16.01
CA PHE B 13 -23.04 13.22 14.83
C PHE B 13 -24.34 13.55 14.08
N SER B 14 -25.25 14.29 14.70
CA SER B 14 -26.43 14.84 14.00
C SER B 14 -26.00 15.75 12.84
N LEU B 15 -24.80 16.34 12.89
CA LEU B 15 -24.26 17.17 11.77
C LEU B 15 -24.21 16.37 10.46
N MET B 16 -24.04 15.06 10.49
CA MET B 16 -23.82 14.29 9.23
C MET B 16 -25.06 14.32 8.32
N ASP B 17 -26.25 14.64 8.85
CA ASP B 17 -27.49 14.70 8.05
C ASP B 17 -27.89 16.17 7.85
N MET B 18 -26.97 17.11 8.10
CA MET B 18 -27.22 18.57 7.93
C MET B 18 -26.20 19.14 6.93
N LYS B 19 -26.59 20.16 6.16
CA LYS B 19 -25.68 20.81 5.17
C LYS B 19 -24.74 21.75 5.93
N PRO B 20 -23.41 21.70 5.70
CA PRO B 20 -22.51 22.69 6.29
C PRO B 20 -22.71 24.03 5.59
N PRO B 21 -22.23 25.17 6.14
CA PRO B 21 -21.46 25.21 7.39
C PRO B 21 -22.31 25.09 8.67
N ILE B 22 -21.67 24.81 9.81
CA ILE B 22 -22.32 24.71 11.15
C ILE B 22 -22.78 26.13 11.52
N SER B 23 -24.05 26.27 11.90
CA SER B 23 -24.61 27.53 12.45
C SER B 23 -24.00 27.84 13.82
N ARG B 24 -23.97 29.13 14.20
CA ARG B 24 -23.62 29.57 15.57
C ARG B 24 -24.52 28.85 16.58
N ALA B 25 -25.83 28.78 16.32
CA ALA B 25 -26.83 28.16 17.22
C ALA B 25 -26.48 26.69 17.44
N LYS B 26 -26.22 25.96 16.38
CA LYS B 26 -25.90 24.50 16.46
C LYS B 26 -24.58 24.32 17.20
N MET B 27 -23.57 25.16 16.91
CA MET B 27 -22.26 25.06 17.61
C MET B 27 -22.44 25.31 19.10
N ILE B 28 -23.31 26.24 19.52
CA ILE B 28 -23.57 26.46 20.97
C ILE B 28 -24.13 25.18 21.60
N LEU B 29 -25.08 24.51 20.95
CA LEU B 29 -25.66 23.24 21.45
C LEU B 29 -24.53 22.19 21.62
N ILE B 30 -23.66 22.07 20.62
CA ILE B 30 -22.57 21.06 20.63
C ILE B 30 -21.64 21.40 21.79
N THR B 31 -21.30 22.68 21.94
CA THR B 31 -20.32 23.14 22.95
C THR B 31 -20.93 22.97 24.35
N LYS B 32 -22.19 23.36 24.54
CA LYS B 32 -22.85 23.17 25.85
C LYS B 32 -22.87 21.69 26.23
N ALA B 33 -23.08 20.80 25.26
CA ALA B 33 -23.07 19.34 25.52
C ALA B 33 -21.67 18.88 25.90
N ALA B 34 -20.61 19.42 25.27
CA ALA B 34 -19.23 19.07 25.64
C ALA B 34 -18.93 19.45 27.09
N ILE B 35 -19.33 20.65 27.50
CA ILE B 35 -19.03 21.20 28.85
C ILE B 35 -19.85 20.40 29.88
N LYS B 36 -21.08 20.01 29.53
CA LYS B 36 -21.91 19.15 30.41
C LYS B 36 -21.20 17.83 30.68
N ALA B 37 -20.45 17.32 29.69
CA ALA B 37 -19.74 16.03 29.80
C ALA B 37 -18.27 16.23 30.22
N ILE B 38 -17.92 17.34 30.88
CA ILE B 38 -16.50 17.74 31.12
C ILE B 38 -15.81 16.79 32.11
N LYS B 39 -16.54 16.11 33.00
CA LYS B 39 -15.91 15.10 33.89
C LYS B 39 -15.48 13.86 33.07
N LEU B 40 -15.99 13.73 31.85
CA LEU B 40 -15.55 12.68 30.90
C LEU B 40 -14.97 13.34 29.66
N TYR B 41 -14.18 14.41 29.87
CA TYR B 41 -13.57 15.18 28.74
C TYR B 41 -12.77 14.23 27.82
N LYS B 42 -12.16 13.16 28.33
CA LYS B 42 -11.37 12.29 27.44
C LYS B 42 -12.31 11.61 26.44
N HIS B 43 -13.53 11.28 26.84
CA HIS B 43 -14.54 10.68 25.94
C HIS B 43 -14.98 11.73 24.90
N VAL B 44 -15.16 12.97 25.33
CA VAL B 44 -15.57 14.04 24.39
C VAL B 44 -14.51 14.22 23.31
N VAL B 45 -13.25 14.31 23.72
CA VAL B 45 -12.12 14.48 22.78
C VAL B 45 -12.09 13.27 21.83
N GLN B 46 -12.25 12.07 22.33
CA GLN B 46 -12.22 10.89 21.44
C GLN B 46 -13.36 10.96 20.41
N ILE B 47 -14.53 11.42 20.82
CA ILE B 47 -15.69 11.52 19.88
C ILE B 47 -15.40 12.58 18.80
N VAL B 48 -14.87 13.74 19.19
CA VAL B 48 -14.53 14.78 18.20
C VAL B 48 -13.49 14.23 17.22
N GLU B 49 -12.46 13.55 17.71
CA GLU B 49 -11.41 13.01 16.81
C GLU B 49 -12.03 11.96 15.88
N LYS B 50 -12.94 11.13 16.37
CA LYS B 50 -13.64 10.10 15.57
C LYS B 50 -14.46 10.80 14.47
N PHE B 51 -15.20 11.83 14.83
CA PHE B 51 -15.95 12.61 13.83
C PHE B 51 -15.01 13.09 12.71
N ILE B 52 -13.87 13.68 13.07
CA ILE B 52 -12.94 14.31 12.10
C ILE B 52 -12.35 13.22 11.20
N LYS B 53 -12.11 12.03 11.74
CA LYS B 53 -11.57 10.92 10.90
C LYS B 53 -12.65 10.38 9.93
N LYS B 54 -13.88 10.26 10.36
CA LYS B 54 -14.96 9.52 9.66
C LYS B 54 -15.74 10.44 8.72
N CYS B 55 -15.74 11.75 8.91
CA CYS B 55 -16.69 12.64 8.18
C CYS B 55 -16.24 12.87 6.75
N LYS B 56 -17.19 13.25 5.89
CA LYS B 56 -16.92 13.63 4.48
C LYS B 56 -16.08 14.91 4.46
N PRO B 57 -15.34 15.17 3.36
CA PRO B 57 -14.47 16.34 3.29
C PRO B 57 -15.11 17.67 3.67
N GLU B 58 -16.37 17.88 3.30
CA GLU B 58 -17.10 19.14 3.60
C GLU B 58 -17.23 19.34 5.13
N TYR B 59 -17.09 18.29 5.94
CA TYR B 59 -17.23 18.44 7.40
C TYR B 59 -15.89 18.58 8.12
N LYS B 60 -14.75 18.63 7.42
CA LYS B 60 -13.45 18.81 8.09
C LYS B 60 -13.36 20.18 8.80
N VAL B 61 -13.56 21.28 8.07
CA VAL B 61 -13.44 22.64 8.67
C VAL B 61 -14.49 22.78 9.79
N PRO B 62 -15.77 22.40 9.61
CA PRO B 62 -16.69 22.36 10.74
C PRO B 62 -16.19 21.57 11.96
N GLY B 63 -15.55 20.40 11.74
CA GLY B 63 -14.93 19.65 12.85
C GLY B 63 -13.84 20.45 13.57
N LEU B 64 -13.00 21.15 12.83
CA LEU B 64 -11.97 22.02 13.43
C LEU B 64 -12.68 23.10 14.25
N TYR B 65 -13.76 23.64 13.71
CA TYR B 65 -14.51 24.71 14.40
C TYR B 65 -15.08 24.16 15.74
N VAL B 66 -15.50 22.90 15.79
CA VAL B 66 -15.95 22.26 17.05
C VAL B 66 -14.80 22.29 18.05
N ILE B 67 -13.59 21.89 17.65
CA ILE B 67 -12.44 21.97 18.58
C ILE B 67 -12.27 23.42 19.04
N ASP B 68 -12.24 24.35 18.10
CA ASP B 68 -12.02 25.78 18.42
C ASP B 68 -13.08 26.22 19.43
N SER B 69 -14.33 25.90 19.18
CA SER B 69 -15.47 26.40 20.02
C SER B 69 -15.34 25.83 21.43
N ILE B 70 -15.12 24.52 21.56
CA ILE B 70 -15.00 23.86 22.88
C ILE B 70 -13.79 24.42 23.63
N VAL B 71 -12.63 24.47 23.00
CA VAL B 71 -11.39 24.87 23.73
C VAL B 71 -11.53 26.33 24.17
N ARG B 72 -12.00 27.21 23.28
CA ARG B 72 -12.15 28.65 23.63
C ARG B 72 -13.23 28.79 24.70
N GLN B 73 -14.34 28.08 24.59
CA GLN B 73 -15.43 28.15 25.62
C GLN B 73 -14.90 27.70 26.99
N SER B 74 -14.21 26.56 27.06
CA SER B 74 -13.67 26.03 28.33
C SER B 74 -12.64 27.00 28.93
N ARG B 75 -11.75 27.55 28.11
CA ARG B 75 -10.75 28.57 28.56
C ARG B 75 -11.48 29.78 29.14
N HIS B 76 -12.56 30.19 28.48
CA HIS B 76 -13.36 31.38 28.86
C HIS B 76 -14.06 31.13 30.20
N GLN B 77 -14.64 29.94 30.36
CA GLN B 77 -15.53 29.57 31.49
C GLN B 77 -14.72 29.19 32.72
N PHE B 78 -13.58 28.49 32.56
CA PHE B 78 -12.80 27.87 33.65
C PHE B 78 -11.45 28.56 33.84
N GLY B 79 -10.98 29.33 32.86
CA GLY B 79 -9.64 29.94 32.88
C GLY B 79 -8.67 29.19 32.00
N THR B 80 -7.67 29.90 31.47
CA THR B 80 -6.69 29.35 30.50
C THR B 80 -5.84 28.27 31.19
N ASP B 81 -5.65 28.40 32.51
CA ASP B 81 -4.76 27.53 33.33
C ASP B 81 -5.49 26.24 33.69
N LYS B 82 -6.81 26.27 33.78
CA LYS B 82 -7.60 25.11 34.29
C LYS B 82 -8.25 24.33 33.14
N ASP B 83 -8.32 24.88 31.93
CA ASP B 83 -8.97 24.20 30.79
C ASP B 83 -8.37 22.79 30.62
N VAL B 84 -9.22 21.78 30.60
CA VAL B 84 -8.77 20.37 30.38
C VAL B 84 -8.83 20.03 28.89
N PHE B 85 -9.60 20.75 28.08
CA PHE B 85 -9.83 20.35 26.67
C PHE B 85 -8.62 20.63 25.78
N GLY B 86 -8.04 21.84 25.81
CA GLY B 86 -6.88 22.14 24.98
C GLY B 86 -5.75 21.13 25.17
N PRO B 87 -5.28 20.92 26.42
CA PRO B 87 -4.21 19.95 26.67
C PRO B 87 -4.57 18.56 26.16
N ARG B 88 -5.84 18.15 26.31
CA ARG B 88 -6.22 16.77 25.88
C ARG B 88 -6.26 16.73 24.34
N PHE B 89 -6.80 17.74 23.67
CA PHE B 89 -6.80 17.78 22.18
C PHE B 89 -5.36 17.78 21.67
N SER B 90 -4.42 18.34 22.44
CA SER B 90 -3.00 18.49 22.01
C SER B 90 -2.33 17.13 21.81
N LYS B 91 -2.78 16.08 22.49
N LYS B 91 -2.76 16.09 22.54
CA LYS B 91 -2.10 14.75 22.50
CA LYS B 91 -2.12 14.75 22.47
C LYS B 91 -2.12 14.11 21.10
C LYS B 91 -2.07 14.26 21.03
N ASN B 92 -3.23 14.20 20.35
CA ASN B 92 -3.35 13.57 19.00
C ASN B 92 -3.47 14.65 17.94
N ILE B 93 -3.04 15.89 18.23
CA ILE B 93 -3.35 17.03 17.34
C ILE B 93 -2.72 16.87 15.95
N THR B 94 -1.53 16.25 15.84
CA THR B 94 -0.87 16.02 14.53
C THR B 94 -1.76 15.12 13.68
N ALA B 95 -2.23 13.99 14.22
CA ALA B 95 -3.17 13.07 13.51
C ALA B 95 -4.44 13.82 13.13
N THR B 96 -5.01 14.57 14.07
CA THR B 96 -6.26 15.31 13.80
C THR B 96 -6.08 16.18 12.57
N PHE B 97 -4.99 16.93 12.51
CA PHE B 97 -4.73 17.87 11.39
C PHE B 97 -4.43 17.08 10.10
N GLN B 98 -3.78 15.93 10.16
CA GLN B 98 -3.62 15.11 8.91
C GLN B 98 -4.99 14.86 8.28
N TYR B 99 -6.04 14.58 9.08
CA TYR B 99 -7.38 14.32 8.53
C TYR B 99 -8.06 15.63 8.13
N LEU B 100 -7.84 16.71 8.88
CA LEU B 100 -8.45 18.02 8.54
C LEU B 100 -7.99 18.45 7.14
N TYR B 101 -6.74 18.13 6.76
CA TYR B 101 -6.18 18.53 5.46
C TYR B 101 -6.66 17.61 4.33
N LEU B 102 -7.62 16.70 4.55
CA LEU B 102 -8.40 16.04 3.48
C LEU B 102 -9.58 16.93 3.07
N CYS B 103 -9.70 18.15 3.63
CA CYS B 103 -10.76 19.12 3.23
C CYS B 103 -10.63 19.49 1.75
N PRO B 104 -11.70 20.05 1.14
CA PRO B 104 -11.59 20.61 -0.21
C PRO B 104 -10.53 21.71 -0.27
N SER B 105 -9.85 21.81 -1.42
CA SER B 105 -8.73 22.76 -1.70
C SER B 105 -9.13 24.16 -1.23
N GLU B 106 -10.39 24.53 -1.46
CA GLU B 106 -10.96 25.88 -1.16
C GLU B 106 -11.15 26.11 0.35
N ASP B 107 -11.05 25.07 1.19
CA ASP B 107 -11.28 25.14 2.66
C ASP B 107 -9.93 25.16 3.40
N LYS B 108 -8.83 24.92 2.68
CA LYS B 108 -7.47 24.80 3.27
C LYS B 108 -7.12 26.08 4.03
N SER B 109 -7.42 27.26 3.45
CA SER B 109 -7.04 28.56 4.02
C SER B 109 -7.76 28.79 5.37
N LYS B 110 -8.94 28.19 5.53
CA LYS B 110 -9.75 28.26 6.78
C LYS B 110 -9.03 27.51 7.92
N ILE B 111 -8.31 26.42 7.61
CA ILE B 111 -7.54 25.68 8.64
C ILE B 111 -6.38 26.56 9.09
N VAL B 112 -5.64 27.12 8.12
CA VAL B 112 -4.45 27.95 8.43
C VAL B 112 -4.92 29.17 9.22
N ARG B 113 -6.10 29.71 8.91
CA ARG B 113 -6.64 30.90 9.61
C ARG B 113 -6.85 30.60 11.10
N VAL B 114 -7.45 29.45 11.42
CA VAL B 114 -7.66 29.04 12.85
C VAL B 114 -6.29 28.87 13.52
N LEU B 115 -5.33 28.23 12.85
CA LEU B 115 -4.00 27.99 13.46
C LEU B 115 -3.38 29.35 13.81
N ASN B 116 -3.44 30.32 12.90
CA ASN B 116 -2.87 31.68 13.12
C ASN B 116 -3.61 32.37 14.28
N LEU B 117 -4.92 32.22 14.38
CA LEU B 117 -5.71 32.75 15.53
C LEU B 117 -5.26 32.09 16.84
N TRP B 118 -5.08 30.76 16.86
CA TRP B 118 -4.62 30.04 18.06
C TRP B 118 -3.24 30.57 18.48
N GLN B 119 -2.33 30.77 17.52
CA GLN B 119 -0.95 31.26 17.76
C GLN B 119 -1.05 32.67 18.37
N LYS B 120 -1.80 33.55 17.73
CA LYS B 120 -1.95 34.98 18.12
C LYS B 120 -2.51 35.07 19.54
N ASN B 121 -3.56 34.31 19.85
CA ASN B 121 -4.33 34.44 21.12
C ASN B 121 -3.81 33.46 22.19
N GLY B 122 -2.73 32.71 21.92
CA GLY B 122 -2.08 31.86 22.95
C GLY B 122 -2.88 30.61 23.28
N VAL B 123 -3.70 30.11 22.37
CA VAL B 123 -4.55 28.90 22.62
C VAL B 123 -3.63 27.69 22.78
N PHE B 124 -2.62 27.57 21.91
CA PHE B 124 -1.52 26.57 22.01
C PHE B 124 -0.18 27.27 21.73
N LYS B 125 0.90 26.74 22.29
CA LYS B 125 2.27 27.29 22.12
C LYS B 125 2.72 27.09 20.66
N ILE B 126 3.68 27.90 20.21
CA ILE B 126 4.23 27.87 18.82
C ILE B 126 4.83 26.48 18.51
N GLU B 127 5.40 25.77 19.50
CA GLU B 127 6.00 24.41 19.28
C GLU B 127 4.92 23.44 18.77
N ILE B 128 3.65 23.67 19.12
CA ILE B 128 2.50 22.85 18.68
C ILE B 128 1.96 23.39 17.34
N ILE B 129 1.82 24.71 17.21
CA ILE B 129 1.17 25.35 16.03
C ILE B 129 2.11 25.26 14.81
N GLN B 130 3.39 25.61 14.94
CA GLN B 130 4.26 25.75 13.74
C GLN B 130 4.20 24.48 12.90
N PRO B 131 4.36 23.27 13.47
CA PRO B 131 4.33 22.05 12.65
C PRO B 131 2.99 21.79 11.95
N LEU B 132 1.87 22.23 12.52
CA LEU B 132 0.53 22.08 11.89
C LEU B 132 0.41 23.02 10.68
N LEU B 133 1.01 24.19 10.75
CA LEU B 133 1.11 25.15 9.62
C LEU B 133 1.96 24.53 8.50
N ASP B 134 3.11 23.96 8.86
CA ASP B 134 4.06 23.32 7.90
C ASP B 134 3.36 22.16 7.19
N MET B 135 2.44 21.45 7.86
CA MET B 135 1.69 20.29 7.32
C MET B 135 0.88 20.68 6.06
N ALA B 136 0.47 21.96 5.95
CA ALA B 136 -0.33 22.51 4.83
C ALA B 136 0.45 22.36 3.51
N ALA B 137 1.74 22.65 3.53
CA ALA B 137 2.65 22.58 2.36
C ALA B 137 3.12 21.12 2.15
N GLY B 138 3.14 20.32 3.22
CA GLY B 138 3.62 18.92 3.22
C GLY B 138 5.13 18.85 3.30
N GLY C 1 15.36 12.89 -15.79
CA GLY C 1 14.56 11.65 -15.96
C GLY C 1 13.11 11.85 -15.56
N MET C 2 12.47 12.94 -16.01
CA MET C 2 11.06 13.23 -15.67
C MET C 2 10.14 12.41 -16.56
N ASP C 3 10.65 11.87 -17.66
CA ASP C 3 9.99 10.80 -18.46
C ASP C 3 9.80 9.54 -17.59
N ALA C 4 10.86 9.05 -16.93
CA ALA C 4 10.79 7.90 -16.00
C ALA C 4 9.82 8.19 -14.86
N VAL C 5 9.85 9.40 -14.28
CA VAL C 5 8.98 9.76 -13.14
C VAL C 5 7.53 9.78 -13.64
N ASN C 6 7.26 10.42 -14.78
CA ASN C 6 5.89 10.46 -15.37
C ASN C 6 5.39 9.05 -15.70
N ALA C 7 6.25 8.20 -16.24
CA ALA C 7 5.91 6.79 -16.56
C ALA C 7 5.53 6.08 -15.28
N PHE C 8 6.27 6.35 -14.19
CA PHE C 8 5.95 5.76 -12.87
C PHE C 8 4.58 6.25 -12.38
N ASN C 9 4.33 7.56 -12.46
CA ASN C 9 3.04 8.18 -12.06
C ASN C 9 1.89 7.51 -12.81
N GLN C 10 2.03 7.31 -14.13
CA GLN C 10 0.99 6.71 -14.99
C GLN C 10 0.73 5.26 -14.54
N GLU C 11 1.79 4.46 -14.35
CA GLU C 11 1.69 3.04 -13.97
C GLU C 11 0.97 2.94 -12.61
N LEU C 12 1.28 3.81 -11.65
CA LEU C 12 0.71 3.72 -10.29
C LEU C 12 -0.76 4.19 -10.32
N PHE C 13 -1.03 5.37 -10.87
CA PHE C 13 -2.38 5.97 -10.84
C PHE C 13 -3.34 5.15 -11.73
N SER C 14 -2.82 4.31 -12.62
CA SER C 14 -3.67 3.39 -13.44
C SER C 14 -4.37 2.37 -12.53
N LEU C 15 -3.88 2.16 -11.30
CA LEU C 15 -4.56 1.29 -10.31
C LEU C 15 -6.00 1.76 -10.05
N MET C 16 -6.25 3.07 -10.15
CA MET C 16 -7.57 3.64 -9.81
C MET C 16 -8.64 3.20 -10.81
N ASP C 17 -8.26 2.66 -11.98
CA ASP C 17 -9.22 2.12 -12.99
C ASP C 17 -9.26 0.58 -12.88
N MET C 18 -8.69 0.01 -11.82
CA MET C 18 -8.53 -1.47 -11.66
C MET C 18 -9.11 -1.86 -10.31
N LYS C 19 -9.79 -3.00 -10.26
CA LYS C 19 -10.40 -3.50 -9.01
C LYS C 19 -9.32 -4.15 -8.16
N PRO C 20 -9.16 -3.76 -6.88
CA PRO C 20 -8.26 -4.48 -5.98
C PRO C 20 -8.80 -5.88 -5.70
N PRO C 21 -7.96 -6.85 -5.30
CA PRO C 21 -6.55 -6.58 -4.96
C PRO C 21 -5.65 -6.44 -6.19
N ILE C 22 -4.49 -5.82 -6.01
CA ILE C 22 -3.49 -5.63 -7.10
C ILE C 22 -2.79 -6.98 -7.35
N SER C 23 -2.60 -7.33 -8.61
CA SER C 23 -1.92 -8.60 -8.99
C SER C 23 -0.42 -8.46 -8.79
N ARG C 24 0.25 -9.59 -8.59
CA ARG C 24 1.72 -9.69 -8.58
C ARG C 24 2.28 -9.08 -9.89
N ALA C 25 1.69 -9.38 -11.06
CA ALA C 25 2.19 -8.92 -12.36
C ALA C 25 2.12 -7.39 -12.43
N LYS C 26 1.02 -6.80 -11.97
CA LYS C 26 0.85 -5.32 -12.00
C LYS C 26 1.87 -4.71 -11.04
N MET C 27 2.04 -5.30 -9.87
CA MET C 27 3.02 -4.77 -8.88
C MET C 27 4.44 -4.79 -9.46
N ILE C 28 4.81 -5.84 -10.20
CA ILE C 28 6.15 -5.90 -10.86
C ILE C 28 6.28 -4.71 -11.82
N LEU C 29 5.28 -4.41 -12.64
CA LEU C 29 5.36 -3.25 -13.57
C LEU C 29 5.56 -1.95 -12.79
N ILE C 30 4.80 -1.76 -11.71
CA ILE C 30 4.89 -0.53 -10.86
C ILE C 30 6.31 -0.47 -10.28
N THR C 31 6.80 -1.60 -9.79
CA THR C 31 8.09 -1.64 -9.07
C THR C 31 9.22 -1.39 -10.08
N LYS C 32 9.15 -2.03 -11.24
CA LYS C 32 10.20 -1.84 -12.28
C LYS C 32 10.24 -0.37 -12.68
N ALA C 33 9.09 0.28 -12.81
CA ALA C 33 9.00 1.72 -13.17
C ALA C 33 9.62 2.58 -12.05
N ALA C 34 9.45 2.21 -10.78
CA ALA C 34 10.04 2.96 -9.65
C ALA C 34 11.57 2.88 -9.72
N ILE C 35 12.10 1.69 -9.95
CA ILE C 35 13.58 1.46 -9.95
C ILE C 35 14.14 2.19 -11.18
N LYS C 36 13.40 2.23 -12.29
CA LYS C 36 13.87 2.94 -13.50
C LYS C 36 14.04 4.43 -13.17
N ALA C 37 13.22 4.96 -12.25
CA ALA C 37 13.23 6.38 -11.86
C ALA C 37 14.07 6.61 -10.58
N ILE C 38 14.97 5.71 -10.24
CA ILE C 38 15.64 5.72 -8.91
C ILE C 38 16.53 6.98 -8.75
N LYS C 39 17.04 7.56 -9.83
CA LYS C 39 17.83 8.83 -9.72
C LYS C 39 16.91 9.98 -9.30
N LEU C 40 15.59 9.82 -9.39
CA LEU C 40 14.60 10.78 -8.86
C LEU C 40 13.72 10.01 -7.85
N TYR C 41 14.36 9.25 -6.96
CA TYR C 41 13.64 8.48 -5.90
C TYR C 41 12.78 9.41 -5.05
N LYS C 42 13.19 10.67 -4.85
CA LYS C 42 12.37 11.58 -4.00
C LYS C 42 11.01 11.84 -4.67
N HIS C 43 10.99 11.94 -5.99
CA HIS C 43 9.73 12.17 -6.75
C HIS C 43 8.87 10.91 -6.69
N VAL C 44 9.49 9.75 -6.82
CA VAL C 44 8.80 8.42 -6.76
C VAL C 44 8.11 8.32 -5.39
N VAL C 45 8.83 8.64 -4.32
CA VAL C 45 8.23 8.59 -2.95
C VAL C 45 7.07 9.57 -2.85
N GLN C 46 7.25 10.81 -3.31
CA GLN C 46 6.18 11.83 -3.23
C GLN C 46 4.92 11.32 -3.94
N ILE C 47 5.09 10.69 -5.10
CA ILE C 47 3.97 10.17 -5.94
C ILE C 47 3.24 9.04 -5.19
N VAL C 48 3.97 8.14 -4.55
CA VAL C 48 3.33 7.05 -3.78
C VAL C 48 2.57 7.63 -2.57
N GLU C 49 3.16 8.59 -1.86
CA GLU C 49 2.50 9.24 -0.72
C GLU C 49 1.23 9.97 -1.19
N LYS C 50 1.29 10.65 -2.34
CA LYS C 50 0.14 11.34 -2.97
C LYS C 50 -0.98 10.34 -3.26
N PHE C 51 -0.63 9.22 -3.88
CA PHE C 51 -1.60 8.14 -4.16
C PHE C 51 -2.29 7.73 -2.86
N ILE C 52 -1.53 7.52 -1.79
CA ILE C 52 -2.08 7.02 -0.50
C ILE C 52 -3.01 8.06 0.15
N LYS C 53 -2.69 9.34 0.04
CA LYS C 53 -3.56 10.40 0.61
C LYS C 53 -4.84 10.49 -0.24
N LYS C 54 -4.74 10.34 -1.55
CA LYS C 54 -5.85 10.70 -2.50
C LYS C 54 -6.80 9.54 -2.77
N CYS C 55 -6.37 8.28 -2.62
CA CYS C 55 -7.12 7.11 -3.14
C CYS C 55 -8.30 6.77 -2.22
N LYS C 56 -9.32 6.11 -2.80
CA LYS C 56 -10.48 5.54 -2.06
C LYS C 56 -9.99 4.52 -1.04
N PRO C 57 -10.74 4.27 0.05
CA PRO C 57 -10.33 3.36 1.11
C PRO C 57 -9.84 1.99 0.61
N GLU C 58 -10.46 1.44 -0.43
CA GLU C 58 -10.13 0.07 -0.89
C GLU C 58 -8.74 0.06 -1.53
N TYR C 59 -8.12 1.22 -1.78
CA TYR C 59 -6.76 1.28 -2.41
C TYR C 59 -5.69 1.56 -1.36
N LYS C 60 -6.03 1.71 -0.08
CA LYS C 60 -5.00 1.93 0.97
C LYS C 60 -4.08 0.72 1.03
N VAL C 61 -4.63 -0.49 1.18
CA VAL C 61 -3.77 -1.72 1.27
C VAL C 61 -2.93 -1.86 0.00
N PRO C 62 -3.47 -1.77 -1.22
CA PRO C 62 -2.63 -1.70 -2.43
C PRO C 62 -1.49 -0.67 -2.37
N GLY C 63 -1.77 0.55 -1.89
CA GLY C 63 -0.76 1.59 -1.68
C GLY C 63 0.35 1.11 -0.77
N LEU C 64 -0.01 0.53 0.36
CA LEU C 64 1.01 0.03 1.31
C LEU C 64 1.81 -1.08 0.61
N TYR C 65 1.15 -1.92 -0.15
CA TYR C 65 1.86 -3.02 -0.86
C TYR C 65 2.85 -2.45 -1.89
N VAL C 66 2.55 -1.32 -2.53
CA VAL C 66 3.50 -0.63 -3.44
C VAL C 66 4.75 -0.18 -2.64
N ILE C 67 4.59 0.40 -1.46
CA ILE C 67 5.76 0.76 -0.60
C ILE C 67 6.54 -0.53 -0.32
N ASP C 68 5.86 -1.57 0.17
CA ASP C 68 6.49 -2.87 0.54
C ASP C 68 7.30 -3.37 -0.66
N SER C 69 6.68 -3.40 -1.83
CA SER C 69 7.32 -4.00 -3.04
C SER C 69 8.57 -3.19 -3.44
N ILE C 70 8.44 -1.86 -3.51
CA ILE C 70 9.57 -0.97 -3.93
C ILE C 70 10.70 -1.10 -2.92
N VAL C 71 10.38 -0.98 -1.63
CA VAL C 71 11.45 -1.02 -0.59
C VAL C 71 12.16 -2.37 -0.64
N ARG C 72 11.42 -3.48 -0.62
CA ARG C 72 12.04 -4.84 -0.61
C ARG C 72 12.83 -5.02 -1.93
N GLN C 73 12.28 -4.62 -3.07
CA GLN C 73 12.99 -4.83 -4.36
C GLN C 73 14.31 -4.05 -4.34
N SER C 74 14.27 -2.77 -3.94
CA SER C 74 15.49 -1.93 -3.86
C SER C 74 16.51 -2.56 -2.89
N ARG C 75 16.10 -3.02 -1.71
CA ARG C 75 17.03 -3.67 -0.73
C ARG C 75 17.60 -4.95 -1.38
N HIS C 76 16.78 -5.69 -2.11
CA HIS C 76 17.21 -6.93 -2.81
C HIS C 76 18.25 -6.60 -3.89
N GLN C 77 17.95 -5.63 -4.73
CA GLN C 77 18.75 -5.31 -5.95
C GLN C 77 20.04 -4.58 -5.54
N PHE C 78 20.01 -3.69 -4.54
CA PHE C 78 21.13 -2.74 -4.24
C PHE C 78 21.79 -3.04 -2.89
N GLY C 79 21.14 -3.79 -2.03
CA GLY C 79 21.58 -4.11 -0.66
C GLY C 79 20.89 -3.26 0.37
N THR C 80 20.76 -3.78 1.59
CA THR C 80 20.09 -3.08 2.71
C THR C 80 20.88 -1.82 3.07
N ASP C 81 22.20 -1.87 2.84
CA ASP C 81 23.12 -0.75 3.13
C ASP C 81 22.95 0.39 2.12
N LYS C 82 22.59 0.12 0.86
CA LYS C 82 22.62 1.15 -0.23
C LYS C 82 21.21 1.61 -0.61
N ASP C 83 20.15 0.90 -0.19
CA ASP C 83 18.75 1.24 -0.56
C ASP C 83 18.42 2.70 -0.19
N VAL C 84 17.92 3.49 -1.14
CA VAL C 84 17.50 4.90 -0.91
C VAL C 84 16.01 4.99 -0.58
N PHE C 85 15.23 3.97 -0.95
CA PHE C 85 13.75 4.07 -0.84
C PHE C 85 13.30 3.94 0.61
N GLY C 86 13.79 2.95 1.35
CA GLY C 86 13.33 2.77 2.74
C GLY C 86 13.58 4.03 3.56
N PRO C 87 14.82 4.54 3.62
CA PRO C 87 15.10 5.77 4.36
C PRO C 87 14.22 6.96 3.93
N ARG C 88 13.97 7.10 2.63
CA ARG C 88 13.15 8.23 2.12
C ARG C 88 11.70 8.04 2.52
N PHE C 89 11.11 6.86 2.37
CA PHE C 89 9.72 6.61 2.83
C PHE C 89 9.61 6.86 4.35
N SER C 90 10.68 6.63 5.10
CA SER C 90 10.64 6.74 6.58
C SER C 90 10.37 8.19 6.99
N LYS C 91 10.71 9.16 6.17
CA LYS C 91 10.60 10.60 6.56
C LYS C 91 9.16 10.95 6.93
N ASN C 92 8.19 10.58 6.09
CA ASN C 92 6.75 10.94 6.25
C ASN C 92 5.91 9.73 6.66
N ILE C 93 6.52 8.69 7.21
CA ILE C 93 5.83 7.38 7.37
C ILE C 93 4.66 7.52 8.35
N THR C 94 4.75 8.42 9.34
CA THR C 94 3.65 8.55 10.33
C THR C 94 2.41 9.05 9.57
N ALA C 95 2.57 10.11 8.79
CA ALA C 95 1.45 10.70 8.01
C ALA C 95 0.91 9.64 7.03
N THR C 96 1.79 8.90 6.36
CA THR C 96 1.38 7.85 5.40
C THR C 96 0.42 6.88 6.09
N PHE C 97 0.79 6.39 7.27
CA PHE C 97 0.01 5.38 8.00
C PHE C 97 -1.28 6.01 8.55
N GLN C 98 -1.29 7.30 8.88
CA GLN C 98 -2.59 7.92 9.25
C GLN C 98 -3.57 7.76 8.09
N TYR C 99 -3.12 7.95 6.85
CA TYR C 99 -4.03 7.78 5.69
C TYR C 99 -4.32 6.30 5.45
N LEU C 100 -3.33 5.42 5.58
CA LEU C 100 -3.60 3.97 5.36
C LEU C 100 -4.68 3.46 6.31
N TYR C 101 -4.79 3.97 7.55
CA TYR C 101 -5.77 3.48 8.55
C TYR C 101 -7.18 4.05 8.30
N LEU C 102 -7.37 4.79 7.21
CA LEU C 102 -8.72 5.05 6.61
C LEU C 102 -9.22 3.86 5.79
N CYS C 103 -8.47 2.76 5.72
CA CYS C 103 -8.92 1.55 5.00
C CYS C 103 -10.22 1.05 5.63
N PRO C 104 -11.01 0.20 4.94
CA PRO C 104 -12.16 -0.46 5.56
C PRO C 104 -11.73 -1.34 6.74
N SER C 105 -12.65 -1.58 7.68
CA SER C 105 -12.39 -2.33 8.93
C SER C 105 -11.72 -3.67 8.61
N GLU C 106 -12.13 -4.32 7.53
CA GLU C 106 -11.69 -5.69 7.13
C GLU C 106 -10.24 -5.69 6.64
N ASP C 107 -9.72 -4.53 6.21
CA ASP C 107 -8.32 -4.41 5.67
C ASP C 107 -7.37 -4.03 6.79
N LYS C 108 -7.85 -3.63 7.96
CA LYS C 108 -6.97 -3.10 9.02
C LYS C 108 -5.91 -4.15 9.41
N SER C 109 -6.28 -5.42 9.51
CA SER C 109 -5.34 -6.49 9.91
C SER C 109 -4.22 -6.63 8.86
N LYS C 110 -4.49 -6.28 7.60
CA LYS C 110 -3.49 -6.40 6.50
C LYS C 110 -2.42 -5.32 6.69
N ILE C 111 -2.79 -4.14 7.19
CA ILE C 111 -1.80 -3.06 7.48
C ILE C 111 -0.91 -3.56 8.61
N VAL C 112 -1.50 -4.05 9.69
CA VAL C 112 -0.74 -4.55 10.86
C VAL C 112 0.17 -5.70 10.43
N ARG C 113 -0.28 -6.54 9.50
CA ARG C 113 0.53 -7.72 9.07
C ARG C 113 1.80 -7.21 8.40
N VAL C 114 1.69 -6.22 7.51
CA VAL C 114 2.89 -5.67 6.84
C VAL C 114 3.83 -5.08 7.90
N LEU C 115 3.29 -4.32 8.86
CA LEU C 115 4.16 -3.70 9.89
C LEU C 115 4.91 -4.80 10.64
N ASN C 116 4.24 -5.89 10.99
CA ASN C 116 4.92 -7.00 11.67
C ASN C 116 5.98 -7.64 10.76
N LEU C 117 5.70 -7.80 9.48
CA LEU C 117 6.72 -8.33 8.53
C LEU C 117 7.92 -7.40 8.47
N TRP C 118 7.72 -6.10 8.39
CA TRP C 118 8.84 -5.14 8.33
C TRP C 118 9.69 -5.27 9.60
N GLN C 119 9.05 -5.38 10.76
CA GLN C 119 9.79 -5.48 12.05
C GLN C 119 10.57 -6.80 12.06
N LYS C 120 9.91 -7.92 11.82
CA LYS C 120 10.51 -9.29 11.94
C LYS C 120 11.64 -9.43 10.92
N ASN C 121 11.48 -8.87 9.71
CA ASN C 121 12.46 -9.03 8.61
C ASN C 121 13.50 -7.90 8.58
N GLY C 122 13.43 -6.93 9.49
CA GLY C 122 14.45 -5.88 9.61
C GLY C 122 14.39 -4.80 8.54
N VAL C 123 13.21 -4.55 7.97
CA VAL C 123 13.07 -3.49 6.93
C VAL C 123 13.17 -2.11 7.59
N PHE C 124 12.55 -1.96 8.75
CA PHE C 124 12.59 -0.74 9.60
C PHE C 124 12.79 -1.17 11.07
N LYS C 125 13.45 -0.32 11.86
CA LYS C 125 13.71 -0.60 13.29
C LYS C 125 12.40 -0.47 14.07
N ILE C 126 12.33 -1.13 15.23
CA ILE C 126 11.11 -1.19 16.08
C ILE C 126 10.76 0.22 16.59
N GLU C 127 11.72 1.14 16.70
CA GLU C 127 11.46 2.57 17.04
C GLU C 127 10.53 3.22 16.00
N ILE C 128 10.66 2.84 14.72
CA ILE C 128 9.78 3.36 13.63
C ILE C 128 8.48 2.55 13.63
N ILE C 129 8.55 1.24 13.78
CA ILE C 129 7.37 0.34 13.60
C ILE C 129 6.40 0.44 14.78
N GLN C 130 6.88 0.39 16.04
CA GLN C 130 5.96 0.25 17.20
C GLN C 130 4.91 1.37 17.20
N PRO C 131 5.27 2.66 16.98
CA PRO C 131 4.25 3.72 16.90
C PRO C 131 3.19 3.54 15.80
N LEU C 132 3.57 2.94 14.66
CA LEU C 132 2.63 2.68 13.55
C LEU C 132 1.68 1.53 13.94
N LEU C 133 2.17 0.56 14.70
CA LEU C 133 1.34 -0.53 15.27
C LEU C 133 0.35 0.09 16.26
N ASP C 134 0.84 0.96 17.14
CA ASP C 134 0.04 1.57 18.24
C ASP C 134 -1.11 2.36 17.62
N MET C 135 -0.88 2.93 16.44
CA MET C 135 -1.84 3.75 15.68
C MET C 135 -3.10 2.93 15.34
N ALA C 136 -2.99 1.61 15.21
CA ALA C 136 -4.16 0.76 14.89
C ALA C 136 -5.15 0.83 16.05
N ALA C 137 -4.66 0.93 17.30
CA ALA C 137 -5.51 0.93 18.52
C ALA C 137 -6.06 2.33 18.79
N GLY C 138 -5.45 3.37 18.22
CA GLY C 138 -5.87 4.78 18.44
C GLY C 138 -5.18 5.38 19.66
N THR C 139 -4.25 4.64 20.28
CA THR C 139 -3.39 5.09 21.42
C THR C 139 -4.16 4.98 22.73
N MET D 2 1.53 45.25 -6.97
CA MET D 2 2.92 45.67 -6.62
C MET D 2 3.16 45.54 -5.11
N ASP D 3 2.11 45.42 -4.29
CA ASP D 3 2.24 44.98 -2.88
C ASP D 3 2.89 43.58 -2.86
N ALA D 4 2.51 42.71 -3.78
CA ALA D 4 2.98 41.31 -3.89
C ALA D 4 4.44 41.29 -4.35
N VAL D 5 4.78 42.12 -5.34
CA VAL D 5 6.17 42.28 -5.87
C VAL D 5 7.07 42.80 -4.75
N ASN D 6 6.63 43.80 -3.98
CA ASN D 6 7.45 44.37 -2.87
C ASN D 6 7.61 43.35 -1.75
N ALA D 7 6.59 42.54 -1.46
CA ALA D 7 6.66 41.44 -0.48
C ALA D 7 7.75 40.45 -0.91
N PHE D 8 7.76 40.09 -2.20
CA PHE D 8 8.76 39.15 -2.78
C PHE D 8 10.17 39.75 -2.64
N ASN D 9 10.33 41.00 -3.07
CA ASN D 9 11.61 41.73 -2.93
C ASN D 9 12.10 41.60 -1.48
N GLN D 10 11.23 41.86 -0.49
CA GLN D 10 11.65 41.85 0.94
C GLN D 10 12.03 40.41 1.35
N GLU D 11 11.25 39.41 0.95
CA GLU D 11 11.51 38.00 1.34
C GLU D 11 12.86 37.56 0.75
N LEU D 12 13.13 37.89 -0.50
CA LEU D 12 14.38 37.45 -1.19
C LEU D 12 15.59 38.13 -0.54
N PHE D 13 15.59 39.46 -0.40
CA PHE D 13 16.79 40.23 0.04
C PHE D 13 17.08 39.95 1.52
N SER D 14 16.10 39.44 2.29
CA SER D 14 16.29 39.01 3.70
C SER D 14 17.23 37.78 3.77
N LEU D 15 17.45 37.07 2.65
CA LEU D 15 18.53 36.05 2.53
C LEU D 15 19.86 36.62 3.02
N MET D 16 20.13 37.90 2.78
CA MET D 16 21.47 38.52 2.98
C MET D 16 21.77 38.63 4.48
N ASP D 17 20.79 38.37 5.36
CA ASP D 17 20.97 38.38 6.84
C ASP D 17 21.11 36.95 7.36
N MET D 18 21.13 35.95 6.47
CA MET D 18 21.23 34.52 6.82
C MET D 18 22.52 33.96 6.23
N LYS D 19 23.22 33.09 6.97
CA LYS D 19 24.46 32.41 6.50
C LYS D 19 24.04 31.26 5.61
N PRO D 20 24.53 31.14 4.36
CA PRO D 20 24.26 29.96 3.55
C PRO D 20 24.79 28.72 4.25
N PRO D 21 24.37 27.49 3.86
CA PRO D 21 23.36 27.27 2.83
C PRO D 21 21.93 27.65 3.26
N ILE D 22 21.09 28.00 2.29
CA ILE D 22 19.70 28.48 2.48
C ILE D 22 18.84 27.28 2.84
N SER D 23 17.98 27.42 3.85
CA SER D 23 17.08 26.32 4.31
C SER D 23 15.98 26.09 3.28
N ARG D 24 15.48 24.87 3.19
CA ARG D 24 14.25 24.52 2.43
C ARG D 24 13.09 25.41 2.88
N ALA D 25 12.92 25.66 4.19
CA ALA D 25 11.80 26.48 4.72
C ALA D 25 11.88 27.88 4.11
N LYS D 26 13.07 28.50 4.13
CA LYS D 26 13.23 29.88 3.59
C LYS D 26 12.94 29.86 2.09
N MET D 27 13.45 28.86 1.38
CA MET D 27 13.22 28.75 -0.08
C MET D 27 11.73 28.63 -0.38
N ILE D 28 10.96 27.90 0.44
CA ILE D 28 9.48 27.82 0.26
C ILE D 28 8.86 29.21 0.45
N LEU D 29 9.28 29.99 1.45
CA LEU D 29 8.72 31.35 1.71
C LEU D 29 8.98 32.23 0.48
N ILE D 30 10.20 32.19 -0.06
CA ILE D 30 10.61 32.98 -1.26
C ILE D 30 9.77 32.55 -2.46
N THR D 31 9.61 31.24 -2.66
CA THR D 31 8.92 30.68 -3.86
C THR D 31 7.43 31.01 -3.77
N LYS D 32 6.79 30.83 -2.61
CA LYS D 32 5.36 31.20 -2.45
C LYS D 32 5.19 32.68 -2.78
N ALA D 33 6.14 33.53 -2.35
CA ALA D 33 6.06 34.99 -2.56
C ALA D 33 6.21 35.27 -4.06
N ALA D 34 7.07 34.53 -4.78
CA ALA D 34 7.22 34.68 -6.25
C ALA D 34 5.90 34.36 -6.96
N ILE D 35 5.25 33.26 -6.58
CA ILE D 35 4.04 32.73 -7.28
CA ILE D 35 4.04 32.75 -7.29
C ILE D 35 2.85 33.64 -6.95
N LYS D 36 2.81 34.20 -5.74
CA LYS D 36 1.76 35.20 -5.36
C LYS D 36 1.84 36.37 -6.34
N ALA D 37 3.05 36.76 -6.77
CA ALA D 37 3.31 37.93 -7.63
C ALA D 37 3.35 37.54 -9.11
N ILE D 38 2.85 36.37 -9.47
CA ILE D 38 3.02 35.79 -10.84
C ILE D 38 2.38 36.68 -11.91
N LYS D 39 1.36 37.47 -11.58
CA LYS D 39 0.75 38.40 -12.56
C LYS D 39 1.83 39.39 -13.02
N LEU D 40 2.76 39.74 -12.12
CA LEU D 40 3.89 40.66 -12.40
C LEU D 40 5.20 39.84 -12.44
N TYR D 41 5.20 38.70 -13.12
CA TYR D 41 6.37 37.77 -13.13
C TYR D 41 7.61 38.45 -13.70
N LYS D 42 7.44 39.40 -14.62
CA LYS D 42 8.60 40.09 -15.23
C LYS D 42 9.32 40.92 -14.17
N HIS D 43 8.58 41.48 -13.22
CA HIS D 43 9.16 42.23 -12.09
C HIS D 43 9.90 41.24 -11.16
N VAL D 44 9.31 40.07 -10.91
CA VAL D 44 9.93 39.04 -10.01
C VAL D 44 11.26 38.61 -10.63
N VAL D 45 11.28 38.32 -11.93
CA VAL D 45 12.53 37.85 -12.59
C VAL D 45 13.57 38.96 -12.49
N GLN D 46 13.16 40.21 -12.71
CA GLN D 46 14.11 41.35 -12.62
C GLN D 46 14.76 41.41 -11.22
N ILE D 47 13.98 41.19 -10.18
CA ILE D 47 14.41 41.26 -8.77
C ILE D 47 15.42 40.13 -8.53
N VAL D 48 15.14 38.93 -9.02
CA VAL D 48 16.07 37.78 -8.82
C VAL D 48 17.38 38.07 -9.55
N GLU D 49 17.31 38.57 -10.77
CA GLU D 49 18.54 38.90 -11.56
C GLU D 49 19.33 40.00 -10.83
N LYS D 50 18.63 40.99 -10.25
CA LYS D 50 19.30 42.07 -9.46
C LYS D 50 20.00 41.47 -8.25
N PHE D 51 19.33 40.52 -7.55
CA PHE D 51 19.93 39.85 -6.38
C PHE D 51 21.24 39.20 -6.80
N ILE D 52 21.23 38.48 -7.91
CA ILE D 52 22.41 37.68 -8.35
C ILE D 52 23.53 38.64 -8.76
N LYS D 53 23.22 39.75 -9.41
CA LYS D 53 24.26 40.76 -9.80
C LYS D 53 24.88 41.38 -8.54
N LYS D 54 24.09 41.68 -7.51
CA LYS D 54 24.52 42.53 -6.36
C LYS D 54 25.03 41.73 -5.16
N CYS D 55 24.66 40.46 -5.01
CA CYS D 55 24.91 39.70 -3.76
C CYS D 55 26.41 39.36 -3.61
N LYS D 56 26.83 39.16 -2.36
CA LYS D 56 28.17 38.62 -2.01
C LYS D 56 28.30 37.23 -2.63
N PRO D 57 29.53 36.79 -2.95
CA PRO D 57 29.73 35.55 -3.69
C PRO D 57 29.13 34.29 -3.04
N GLU D 58 29.07 34.23 -1.71
CA GLU D 58 28.51 33.03 -1.03
C GLU D 58 27.01 32.95 -1.30
N TYR D 59 26.35 34.00 -1.81
CA TYR D 59 24.91 34.00 -2.13
C TYR D 59 24.63 33.66 -3.61
N LYS D 60 25.63 33.39 -4.46
CA LYS D 60 25.37 33.10 -5.90
C LYS D 60 24.60 31.77 -5.99
N VAL D 61 25.09 30.72 -5.35
CA VAL D 61 24.40 29.40 -5.38
C VAL D 61 22.99 29.54 -4.81
N PRO D 62 22.77 30.14 -3.61
CA PRO D 62 21.41 30.42 -3.16
C PRO D 62 20.56 31.10 -4.23
N GLY D 63 21.13 32.10 -4.93
CA GLY D 63 20.40 32.82 -5.99
C GLY D 63 20.00 31.88 -7.11
N LEU D 64 20.89 30.98 -7.51
CA LEU D 64 20.57 29.97 -8.56
C LEU D 64 19.49 29.01 -8.05
N TYR D 65 19.53 28.67 -6.76
CA TYR D 65 18.53 27.76 -6.14
C TYR D 65 17.17 28.45 -6.12
N VAL D 66 17.13 29.77 -5.98
CA VAL D 66 15.86 30.55 -6.08
C VAL D 66 15.30 30.38 -7.50
N ILE D 67 16.12 30.55 -8.55
CA ILE D 67 15.67 30.31 -9.94
C ILE D 67 15.14 28.88 -10.06
N ASP D 68 15.93 27.90 -9.66
CA ASP D 68 15.53 26.48 -9.72
C ASP D 68 14.18 26.29 -9.02
N SER D 69 14.03 26.78 -7.80
CA SER D 69 12.81 26.54 -6.98
C SER D 69 11.58 27.19 -7.66
N ILE D 70 11.72 28.44 -8.07
CA ILE D 70 10.57 29.15 -8.70
C ILE D 70 10.15 28.45 -9.98
N VAL D 71 11.09 28.14 -10.87
CA VAL D 71 10.82 27.55 -12.19
C VAL D 71 10.20 26.16 -11.97
N ARG D 72 10.76 25.35 -11.07
CA ARG D 72 10.23 23.97 -10.86
C ARG D 72 8.84 24.04 -10.21
N GLN D 73 8.60 24.97 -9.28
CA GLN D 73 7.30 25.08 -8.56
C GLN D 73 6.23 25.59 -9.54
N SER D 74 6.58 26.56 -10.37
CA SER D 74 5.68 27.11 -11.41
C SER D 74 5.34 26.02 -12.42
N ARG D 75 6.32 25.26 -12.92
CA ARG D 75 6.08 24.14 -13.88
C ARG D 75 5.16 23.11 -13.23
N HIS D 76 5.27 22.89 -11.93
CA HIS D 76 4.44 21.90 -11.18
C HIS D 76 2.99 22.40 -11.04
N GLN D 77 2.82 23.69 -10.74
N GLN D 77 2.79 23.65 -10.60
CA GLN D 77 1.55 24.33 -10.32
CA GLN D 77 1.45 24.23 -10.33
C GLN D 77 0.71 24.69 -11.55
C GLN D 77 0.73 24.44 -11.67
N PHE D 78 1.36 25.10 -12.64
CA PHE D 78 0.68 25.59 -13.86
C PHE D 78 0.93 24.69 -15.06
N GLY D 79 1.87 23.74 -14.96
CA GLY D 79 2.23 22.88 -16.11
C GLY D 79 3.44 23.41 -16.83
N THR D 80 4.16 22.52 -17.52
CA THR D 80 5.47 22.79 -18.16
C THR D 80 5.28 23.67 -19.41
N ASP D 81 4.11 23.57 -20.05
CA ASP D 81 3.75 24.36 -21.27
C ASP D 81 3.35 25.77 -20.85
N LYS D 82 2.66 25.95 -19.72
CA LYS D 82 2.04 27.23 -19.28
C LYS D 82 2.99 28.06 -18.41
N ASP D 83 4.05 27.47 -17.85
CA ASP D 83 5.03 28.18 -16.98
C ASP D 83 5.58 29.44 -17.68
N VAL D 84 5.47 30.59 -17.01
CA VAL D 84 5.99 31.90 -17.49
C VAL D 84 7.42 32.15 -17.00
N PHE D 85 7.86 31.50 -15.92
CA PHE D 85 9.13 31.84 -15.26
C PHE D 85 10.33 31.27 -16.03
N GLY D 86 10.34 29.99 -16.42
CA GLY D 86 11.47 29.39 -17.15
C GLY D 86 11.82 30.20 -18.41
N PRO D 87 10.83 30.42 -19.31
CA PRO D 87 11.07 31.20 -20.52
C PRO D 87 11.59 32.62 -20.22
N ARG D 88 11.08 33.26 -19.18
CA ARG D 88 11.47 34.66 -18.84
C ARG D 88 12.91 34.66 -18.30
N PHE D 89 13.27 33.74 -17.39
CA PHE D 89 14.67 33.61 -16.90
C PHE D 89 15.62 33.33 -18.06
N SER D 90 15.18 32.64 -19.13
CA SER D 90 16.09 32.23 -20.23
C SER D 90 16.61 33.46 -21.01
N LYS D 91 15.91 34.59 -20.99
CA LYS D 91 16.23 35.78 -21.83
C LYS D 91 17.63 36.31 -21.48
N ASN D 92 17.92 36.51 -20.20
CA ASN D 92 19.18 37.13 -19.73
C ASN D 92 20.11 36.07 -19.14
N ILE D 93 19.88 34.79 -19.48
CA ILE D 93 20.52 33.67 -18.74
C ILE D 93 22.05 33.69 -18.93
N THR D 94 22.60 34.12 -20.07
CA THR D 94 24.07 34.23 -20.22
C THR D 94 24.65 35.19 -19.17
N ALA D 95 24.12 36.42 -19.09
CA ALA D 95 24.57 37.44 -18.11
C ALA D 95 24.39 36.88 -16.69
N THR D 96 23.26 36.24 -16.41
CA THR D 96 23.02 35.67 -15.05
C THR D 96 24.14 34.72 -14.69
N PHE D 97 24.49 33.79 -15.58
CA PHE D 97 25.53 32.78 -15.31
C PHE D 97 26.92 33.42 -15.24
N GLN D 98 27.18 34.49 -16.00
CA GLN D 98 28.47 35.21 -15.85
C GLN D 98 28.64 35.70 -14.41
N TYR D 99 27.58 36.19 -13.78
CA TYR D 99 27.59 36.60 -12.35
C TYR D 99 27.70 35.38 -11.45
N LEU D 100 26.91 34.33 -11.70
CA LEU D 100 26.91 33.13 -10.82
C LEU D 100 28.32 32.54 -10.75
N TYR D 101 29.06 32.51 -11.85
CA TYR D 101 30.41 31.89 -11.87
C TYR D 101 31.45 32.79 -11.19
N LEU D 102 31.08 33.94 -10.61
CA LEU D 102 31.99 34.69 -9.70
C LEU D 102 31.97 34.12 -8.28
N CYS D 103 31.20 33.04 -8.05
CA CYS D 103 31.10 32.33 -6.75
C CYS D 103 32.47 31.80 -6.32
N PRO D 104 32.64 31.42 -5.03
CA PRO D 104 33.87 30.76 -4.58
C PRO D 104 34.09 29.45 -5.38
N SER D 105 35.35 29.04 -5.56
CA SER D 105 35.69 27.85 -6.38
C SER D 105 34.90 26.62 -5.92
N GLU D 106 34.66 26.45 -4.61
CA GLU D 106 33.95 25.25 -4.04
C GLU D 106 32.49 25.20 -4.54
N ASP D 107 31.95 26.33 -4.99
CA ASP D 107 30.52 26.44 -5.36
C ASP D 107 30.30 26.22 -6.87
N LYS D 108 31.37 26.27 -7.68
N LYS D 108 31.36 26.25 -7.68
CA LYS D 108 31.29 26.06 -9.15
CA LYS D 108 31.25 26.09 -9.15
C LYS D 108 30.62 24.72 -9.47
C LYS D 108 30.61 24.72 -9.48
N SER D 109 31.01 23.64 -8.78
CA SER D 109 30.42 22.30 -9.00
C SER D 109 28.91 22.31 -8.73
N LYS D 110 28.47 23.15 -7.78
CA LYS D 110 27.04 23.22 -7.38
C LYS D 110 26.23 23.86 -8.51
N ILE D 111 26.83 24.85 -9.20
CA ILE D 111 26.19 25.48 -10.39
C ILE D 111 26.10 24.42 -11.49
N VAL D 112 27.19 23.72 -11.75
CA VAL D 112 27.24 22.71 -12.83
C VAL D 112 26.22 21.59 -12.53
N ARG D 113 26.04 21.21 -11.27
CA ARG D 113 25.04 20.17 -10.89
C ARG D 113 23.62 20.64 -11.27
N VAL D 114 23.26 21.89 -10.98
CA VAL D 114 21.91 22.37 -11.36
C VAL D 114 21.75 22.34 -12.88
N LEU D 115 22.72 22.84 -13.63
CA LEU D 115 22.68 22.82 -15.11
C LEU D 115 22.43 21.38 -15.60
N ASN D 116 23.15 20.40 -15.05
CA ASN D 116 22.98 19.00 -15.50
C ASN D 116 21.57 18.51 -15.12
N LEU D 117 21.07 18.84 -13.93
CA LEU D 117 19.68 18.48 -13.56
C LEU D 117 18.69 19.13 -14.53
N TRP D 118 18.86 20.42 -14.86
CA TRP D 118 17.92 21.14 -15.75
C TRP D 118 17.89 20.44 -17.12
N GLN D 119 19.04 20.05 -17.63
CA GLN D 119 19.17 19.38 -18.96
C GLN D 119 18.50 18.00 -18.87
N LYS D 120 18.91 17.19 -17.89
CA LYS D 120 18.43 15.78 -17.74
C LYS D 120 16.91 15.77 -17.55
N ASN D 121 16.36 16.72 -16.79
CA ASN D 121 14.94 16.72 -16.36
C ASN D 121 14.08 17.56 -17.31
N GLY D 122 14.67 18.16 -18.35
CA GLY D 122 13.94 18.87 -19.43
C GLY D 122 13.45 20.25 -19.02
N VAL D 123 14.09 20.90 -18.05
CA VAL D 123 13.68 22.27 -17.63
C VAL D 123 14.07 23.26 -18.72
N PHE D 124 15.26 23.10 -19.29
CA PHE D 124 15.76 23.88 -20.44
C PHE D 124 16.34 22.93 -21.48
N LYS D 125 16.27 23.31 -22.77
CA LYS D 125 16.87 22.51 -23.88
C LYS D 125 18.39 22.56 -23.79
N ILE D 126 19.08 21.56 -24.37
CA ILE D 126 20.56 21.44 -24.32
C ILE D 126 21.23 22.63 -25.02
N GLU D 127 20.54 23.24 -25.99
CA GLU D 127 21.06 24.40 -26.76
C GLU D 127 21.25 25.58 -25.80
N ILE D 128 20.40 25.69 -24.77
CA ILE D 128 20.51 26.74 -23.72
C ILE D 128 21.57 26.29 -22.71
N ILE D 129 21.54 25.01 -22.32
CA ILE D 129 22.38 24.53 -21.19
C ILE D 129 23.84 24.38 -21.62
N GLN D 130 24.11 23.83 -22.80
CA GLN D 130 25.50 23.47 -23.18
C GLN D 130 26.41 24.71 -23.09
N PRO D 131 26.04 25.89 -23.61
CA PRO D 131 26.90 27.07 -23.49
C PRO D 131 27.17 27.53 -22.05
N LEU D 132 26.25 27.28 -21.11
CA LEU D 132 26.42 27.60 -19.67
C LEU D 132 27.38 26.57 -19.02
N LEU D 133 27.31 25.30 -19.43
CA LEU D 133 28.30 24.28 -19.00
C LEU D 133 29.69 24.65 -19.54
N ASP D 134 29.77 25.11 -20.79
CA ASP D 134 31.06 25.48 -21.45
C ASP D 134 31.71 26.63 -20.67
N MET D 135 30.90 27.55 -20.14
CA MET D 135 31.34 28.71 -19.29
C MET D 135 32.13 28.22 -18.07
N ALA D 136 31.74 27.09 -17.47
CA ALA D 136 32.52 26.41 -16.42
C ALA D 136 33.72 25.73 -17.07
N GLY E 1 -22.59 -35.92 -20.57
CA GLY E 1 -22.70 -37.14 -19.71
C GLY E 1 -21.79 -37.04 -18.51
N MET E 2 -21.38 -38.18 -17.94
CA MET E 2 -20.50 -38.18 -16.73
C MET E 2 -19.13 -37.60 -17.10
N ASP E 3 -18.73 -37.59 -18.37
CA ASP E 3 -17.50 -36.89 -18.86
C ASP E 3 -17.61 -35.38 -18.54
N ALA E 4 -18.75 -34.77 -18.86
CA ALA E 4 -19.02 -33.33 -18.58
C ALA E 4 -19.04 -33.11 -17.07
N VAL E 5 -19.64 -34.03 -16.31
CA VAL E 5 -19.67 -33.92 -14.83
C VAL E 5 -18.24 -34.00 -14.29
N ASN E 6 -17.42 -34.93 -14.77
CA ASN E 6 -16.02 -35.05 -14.30
C ASN E 6 -15.24 -33.79 -14.67
N ALA E 7 -15.47 -33.23 -15.87
CA ALA E 7 -14.79 -32.01 -16.36
C ALA E 7 -15.16 -30.86 -15.41
N PHE E 8 -16.41 -30.79 -14.99
CA PHE E 8 -16.86 -29.75 -14.02
C PHE E 8 -16.17 -29.92 -12.66
N ASN E 9 -16.12 -31.15 -12.16
CA ASN E 9 -15.44 -31.49 -10.90
C ASN E 9 -13.97 -31.01 -10.98
N GLN E 10 -13.28 -31.28 -12.09
CA GLN E 10 -11.84 -30.91 -12.23
C GLN E 10 -11.73 -29.38 -12.25
N GLU E 11 -12.61 -28.71 -12.98
CA GLU E 11 -12.60 -27.24 -13.14
C GLU E 11 -12.84 -26.59 -11.77
N LEU E 12 -13.84 -27.05 -11.01
CA LEU E 12 -14.15 -26.41 -9.70
C LEU E 12 -13.02 -26.72 -8.70
N PHE E 13 -12.57 -27.97 -8.59
CA PHE E 13 -11.61 -28.33 -7.52
C PHE E 13 -10.22 -27.75 -7.83
N SER E 14 -9.96 -27.34 -9.07
CA SER E 14 -8.70 -26.64 -9.46
C SER E 14 -8.58 -25.31 -8.71
N LEU E 15 -9.69 -24.77 -8.20
CA LEU E 15 -9.68 -23.56 -7.35
C LEU E 15 -8.77 -23.76 -6.14
N MET E 16 -8.62 -24.98 -5.64
CA MET E 16 -7.87 -25.19 -4.36
C MET E 16 -6.37 -24.95 -4.57
N ASP E 17 -5.91 -24.84 -5.82
CA ASP E 17 -4.48 -24.57 -6.16
C ASP E 17 -4.30 -23.10 -6.53
N MET E 18 -5.38 -22.32 -6.51
CA MET E 18 -5.39 -20.89 -6.89
C MET E 18 -5.66 -20.08 -5.62
N LYS E 19 -5.11 -18.88 -5.57
CA LYS E 19 -5.30 -17.96 -4.42
C LYS E 19 -6.60 -17.18 -4.66
N PRO E 20 -7.55 -17.12 -3.69
CA PRO E 20 -8.70 -16.25 -3.82
C PRO E 20 -8.26 -14.79 -3.80
N PRO E 21 -9.06 -13.83 -4.30
CA PRO E 21 -10.39 -14.09 -4.85
C PRO E 21 -10.38 -14.74 -6.25
N ILE E 22 -11.51 -15.36 -6.60
CA ILE E 22 -11.66 -16.02 -7.92
C ILE E 22 -11.94 -14.93 -8.94
N SER E 23 -11.26 -15.05 -10.08
CA SER E 23 -11.37 -14.09 -11.21
C SER E 23 -12.70 -14.32 -11.95
N ARG E 24 -13.20 -13.27 -12.56
CA ARG E 24 -14.35 -13.36 -13.50
C ARG E 24 -14.03 -14.43 -14.54
N ALA E 25 -12.81 -14.45 -15.10
CA ALA E 25 -12.46 -15.37 -16.20
C ALA E 25 -12.55 -16.82 -15.69
N LYS E 26 -12.04 -17.11 -14.49
CA LYS E 26 -12.07 -18.47 -13.91
C LYS E 26 -13.53 -18.86 -13.65
N MET E 27 -14.33 -17.93 -13.11
CA MET E 27 -15.76 -18.22 -12.81
C MET E 27 -16.51 -18.54 -14.11
N ILE E 28 -16.20 -17.87 -15.22
CA ILE E 28 -16.88 -18.19 -16.52
C ILE E 28 -16.56 -19.62 -16.93
N LEU E 29 -15.32 -20.06 -16.75
CA LEU E 29 -14.94 -21.46 -17.11
C LEU E 29 -15.70 -22.46 -16.22
N ILE E 30 -15.79 -22.19 -14.92
CA ILE E 30 -16.55 -23.07 -13.98
C ILE E 30 -18.03 -23.09 -14.40
N THR E 31 -18.58 -21.93 -14.70
CA THR E 31 -20.02 -21.78 -15.05
C THR E 31 -20.32 -22.48 -16.38
N LYS E 32 -19.49 -22.29 -17.42
CA LYS E 32 -19.63 -22.99 -18.73
C LYS E 32 -19.60 -24.50 -18.52
N ALA E 33 -18.72 -24.99 -17.67
CA ALA E 33 -18.60 -26.43 -17.34
C ALA E 33 -19.87 -26.94 -16.66
N ALA E 34 -20.44 -26.19 -15.72
CA ALA E 34 -21.69 -26.54 -15.03
C ALA E 34 -22.83 -26.65 -16.06
N ILE E 35 -22.93 -25.70 -16.98
CA ILE E 35 -24.04 -25.67 -17.97
C ILE E 35 -23.83 -26.76 -19.03
N LYS E 36 -22.58 -27.11 -19.36
CA LYS E 36 -22.31 -28.25 -20.27
C LYS E 36 -22.83 -29.54 -19.63
N ALA E 37 -22.83 -29.60 -18.30
CA ALA E 37 -23.23 -30.81 -17.53
C ALA E 37 -24.67 -30.75 -17.04
N ILE E 38 -25.52 -29.88 -17.60
CA ILE E 38 -26.84 -29.50 -17.03
C ILE E 38 -27.83 -30.70 -17.05
N LYS E 39 -27.68 -31.64 -18.00
CA LYS E 39 -28.55 -32.84 -18.01
C LYS E 39 -28.32 -33.63 -16.71
N LEU E 40 -27.15 -33.48 -16.11
CA LEU E 40 -26.80 -34.12 -14.81
C LEU E 40 -26.64 -33.02 -13.74
N TYR E 41 -27.55 -32.06 -13.72
CA TYR E 41 -27.55 -30.91 -12.78
C TYR E 41 -27.50 -31.42 -11.33
N LYS E 42 -28.13 -32.56 -10.98
CA LYS E 42 -28.10 -33.03 -9.58
C LYS E 42 -26.64 -33.35 -9.19
N HIS E 43 -25.86 -33.93 -10.08
CA HIS E 43 -24.43 -34.22 -9.79
C HIS E 43 -23.64 -32.91 -9.67
N VAL E 44 -23.95 -31.92 -10.51
CA VAL E 44 -23.25 -30.60 -10.45
C VAL E 44 -23.48 -29.97 -9.08
N VAL E 45 -24.72 -29.96 -8.61
CA VAL E 45 -25.08 -29.35 -7.32
C VAL E 45 -24.35 -30.11 -6.21
N GLN E 46 -24.31 -31.45 -6.30
CA GLN E 46 -23.66 -32.25 -5.26
C GLN E 46 -22.16 -31.89 -5.20
N ILE E 47 -21.52 -31.70 -6.35
CA ILE E 47 -20.08 -31.34 -6.42
C ILE E 47 -19.87 -29.96 -5.77
N VAL E 48 -20.73 -28.99 -6.07
CA VAL E 48 -20.57 -27.62 -5.50
C VAL E 48 -20.76 -27.70 -3.98
N GLU E 49 -21.75 -28.45 -3.50
CA GLU E 49 -21.98 -28.60 -2.04
C GLU E 49 -20.79 -29.32 -1.40
N LYS E 50 -20.18 -30.29 -2.09
CA LYS E 50 -19.01 -31.03 -1.56
C LYS E 50 -17.83 -30.06 -1.43
N PHE E 51 -17.65 -29.19 -2.42
CA PHE E 51 -16.56 -28.18 -2.41
C PHE E 51 -16.74 -27.30 -1.17
N ILE E 52 -17.95 -26.80 -0.95
CA ILE E 52 -18.26 -25.85 0.15
C ILE E 52 -18.02 -26.55 1.49
N LYS E 53 -18.31 -27.85 1.59
CA LYS E 53 -18.04 -28.64 2.83
C LYS E 53 -16.53 -28.83 3.01
N LYS E 54 -15.79 -29.21 1.98
CA LYS E 54 -14.38 -29.71 2.11
C LYS E 54 -13.36 -28.56 2.09
N CYS E 55 -13.69 -27.39 1.52
CA CYS E 55 -12.69 -26.33 1.22
C CYS E 55 -12.29 -25.55 2.49
N LYS E 56 -11.11 -24.94 2.44
CA LYS E 56 -10.57 -24.08 3.53
C LYS E 56 -11.46 -22.86 3.67
N PRO E 57 -11.44 -22.17 4.85
CA PRO E 57 -12.29 -21.00 5.07
C PRO E 57 -12.20 -19.89 4.00
N GLU E 58 -11.00 -19.65 3.45
CA GLU E 58 -10.76 -18.60 2.42
C GLU E 58 -11.50 -18.94 1.11
N TYR E 59 -11.99 -20.18 0.97
CA TYR E 59 -12.71 -20.61 -0.28
C TYR E 59 -14.23 -20.64 -0.07
N LYS E 60 -14.78 -20.29 1.09
CA LYS E 60 -16.25 -20.34 1.31
C LYS E 60 -16.92 -19.30 0.40
N VAL E 61 -16.48 -18.04 0.42
CA VAL E 61 -17.08 -16.98 -0.45
C VAL E 61 -16.93 -17.37 -1.92
N PRO E 62 -15.73 -17.77 -2.42
CA PRO E 62 -15.58 -18.33 -3.76
C PRO E 62 -16.65 -19.39 -4.05
N GLY E 63 -16.89 -20.30 -3.11
CA GLY E 63 -17.95 -21.32 -3.27
C GLY E 63 -19.33 -20.71 -3.42
N LEU E 64 -19.70 -19.74 -2.57
CA LEU E 64 -21.01 -19.06 -2.70
C LEU E 64 -21.10 -18.38 -4.08
N TYR E 65 -20.00 -17.75 -4.51
CA TYR E 65 -19.98 -17.04 -5.82
C TYR E 65 -20.20 -18.05 -6.97
N VAL E 66 -19.73 -19.29 -6.83
CA VAL E 66 -19.98 -20.34 -7.85
C VAL E 66 -21.48 -20.64 -7.90
N ILE E 67 -22.14 -20.74 -6.73
CA ILE E 67 -23.61 -20.94 -6.71
C ILE E 67 -24.25 -19.74 -7.42
N ASP E 68 -23.89 -18.53 -7.02
CA ASP E 68 -24.47 -17.29 -7.60
C ASP E 68 -24.29 -17.29 -9.13
N SER E 69 -23.09 -17.57 -9.60
CA SER E 69 -22.75 -17.51 -11.05
C SER E 69 -23.56 -18.57 -11.82
N ILE E 70 -23.56 -19.81 -11.34
CA ILE E 70 -24.30 -20.91 -12.01
C ILE E 70 -25.79 -20.55 -12.07
N VAL E 71 -26.39 -20.18 -10.95
CA VAL E 71 -27.85 -19.92 -10.88
C VAL E 71 -28.19 -18.72 -11.78
N ARG E 72 -27.40 -17.64 -11.72
CA ARG E 72 -27.73 -16.44 -12.52
C ARG E 72 -27.53 -16.72 -14.01
N GLN E 73 -26.48 -17.43 -14.39
CA GLN E 73 -26.21 -17.68 -15.83
C GLN E 73 -27.28 -18.63 -16.38
N SER E 74 -27.69 -19.63 -15.59
CA SER E 74 -28.73 -20.59 -16.01
C SER E 74 -30.08 -19.87 -16.15
N ARG E 75 -30.44 -19.02 -15.19
CA ARG E 75 -31.68 -18.19 -15.32
C ARG E 75 -31.63 -17.36 -16.62
N HIS E 76 -30.46 -16.82 -16.97
CA HIS E 76 -30.27 -15.97 -18.18
C HIS E 76 -30.46 -16.81 -19.44
N GLN E 77 -29.83 -17.99 -19.51
CA GLN E 77 -29.76 -18.80 -20.75
C GLN E 77 -31.08 -19.56 -20.96
N PHE E 78 -31.70 -20.05 -19.89
CA PHE E 78 -32.87 -20.98 -19.95
C PHE E 78 -34.15 -20.30 -19.48
N GLY E 79 -34.05 -19.17 -18.79
CA GLY E 79 -35.20 -18.45 -18.24
C GLY E 79 -35.35 -18.66 -16.76
N THR E 80 -35.83 -17.63 -16.06
CA THR E 80 -36.01 -17.63 -14.58
C THR E 80 -36.84 -18.84 -14.18
N ASP E 81 -37.89 -19.13 -14.95
CA ASP E 81 -38.89 -20.17 -14.61
C ASP E 81 -38.39 -21.57 -15.01
N LYS E 82 -37.40 -21.70 -15.90
CA LYS E 82 -36.99 -23.02 -16.44
C LYS E 82 -35.66 -23.47 -15.80
N ASP E 83 -34.97 -22.56 -15.11
CA ASP E 83 -33.66 -22.87 -14.47
C ASP E 83 -33.86 -24.07 -13.55
N VAL E 84 -33.02 -25.09 -13.69
CA VAL E 84 -33.01 -26.27 -12.78
C VAL E 84 -32.07 -26.03 -11.59
N PHE E 85 -31.13 -25.07 -11.66
CA PHE E 85 -30.06 -25.03 -10.64
C PHE E 85 -30.58 -24.37 -9.36
N GLY E 86 -31.28 -23.22 -9.44
CA GLY E 86 -31.75 -22.54 -8.22
C GLY E 86 -32.57 -23.47 -7.35
N PRO E 87 -33.62 -24.10 -7.94
CA PRO E 87 -34.49 -25.01 -7.19
C PRO E 87 -33.69 -26.16 -6.55
N ARG E 88 -32.70 -26.68 -7.28
CA ARG E 88 -31.93 -27.84 -6.77
C ARG E 88 -31.03 -27.37 -5.63
N PHE E 89 -30.33 -26.24 -5.74
CA PHE E 89 -29.49 -25.70 -4.65
C PHE E 89 -30.34 -25.42 -3.41
N SER E 90 -31.63 -25.10 -3.58
CA SER E 90 -32.49 -24.68 -2.45
C SER E 90 -32.74 -25.87 -1.51
N LYS E 91 -32.63 -27.10 -2.00
CA LYS E 91 -32.97 -28.31 -1.19
C LYS E 91 -32.11 -28.37 0.07
N ASN E 92 -30.78 -28.21 -0.04
CA ASN E 92 -29.82 -28.34 1.09
C ASN E 92 -29.26 -26.97 1.50
N ILE E 93 -29.96 -25.88 1.14
CA ILE E 93 -29.41 -24.50 1.29
C ILE E 93 -29.07 -24.17 2.76
N THR E 94 -29.85 -24.65 3.74
CA THR E 94 -29.57 -24.42 5.19
C THR E 94 -28.21 -25.02 5.54
N ALA E 95 -27.98 -26.30 5.23
CA ALA E 95 -26.67 -26.96 5.48
C ALA E 95 -25.54 -26.23 4.74
N THR E 96 -25.77 -25.81 3.50
CA THR E 96 -24.72 -25.13 2.68
C THR E 96 -24.28 -23.88 3.46
N PHE E 97 -25.24 -23.10 3.91
CA PHE E 97 -24.94 -21.79 4.56
C PHE E 97 -24.28 -22.01 5.93
N GLN E 98 -24.55 -23.12 6.61
CA GLN E 98 -23.84 -23.42 7.89
C GLN E 98 -22.34 -23.58 7.61
N TYR E 99 -21.96 -24.14 6.46
CA TYR E 99 -20.54 -24.25 6.05
C TYR E 99 -20.03 -22.89 5.60
N LEU E 100 -20.82 -22.16 4.81
CA LEU E 100 -20.40 -20.83 4.27
C LEU E 100 -20.02 -19.89 5.42
N TYR E 101 -20.77 -19.89 6.52
CA TYR E 101 -20.55 -18.98 7.68
C TYR E 101 -19.35 -19.43 8.53
N LEU E 102 -18.55 -20.42 8.09
CA LEU E 102 -17.20 -20.71 8.66
C LEU E 102 -16.11 -19.86 7.97
N CYS E 103 -16.48 -18.91 7.11
CA CYS E 103 -15.54 -18.02 6.37
C CYS E 103 -14.77 -17.14 7.35
N PRO E 104 -13.59 -16.59 6.99
CA PRO E 104 -12.93 -15.58 7.82
C PRO E 104 -13.86 -14.37 8.07
N SER E 105 -13.75 -13.72 9.24
CA SER E 105 -14.66 -12.65 9.72
C SER E 105 -14.81 -11.56 8.65
N GLU E 106 -13.70 -11.22 7.97
CA GLU E 106 -13.68 -10.21 6.89
C GLU E 106 -14.78 -10.56 5.87
N ASP E 107 -14.81 -11.83 5.44
CA ASP E 107 -15.64 -12.34 4.29
C ASP E 107 -17.14 -12.37 4.65
N LYS E 108 -17.53 -12.31 5.92
CA LYS E 108 -18.94 -12.55 6.33
C LYS E 108 -19.92 -11.55 5.67
N SER E 109 -19.54 -10.28 5.49
CA SER E 109 -20.44 -9.25 4.91
C SER E 109 -20.74 -9.60 3.44
N LYS E 110 -19.81 -10.30 2.78
CA LYS E 110 -19.94 -10.72 1.36
C LYS E 110 -21.06 -11.76 1.20
N ILE E 111 -21.26 -12.64 2.19
CA ILE E 111 -22.39 -13.62 2.19
C ILE E 111 -23.71 -12.85 2.30
N VAL E 112 -23.84 -11.95 3.29
CA VAL E 112 -25.06 -11.14 3.52
C VAL E 112 -25.43 -10.37 2.23
N ARG E 113 -24.43 -9.79 1.58
CA ARG E 113 -24.58 -9.02 0.32
C ARG E 113 -25.24 -9.89 -0.75
N VAL E 114 -24.74 -11.11 -0.97
CA VAL E 114 -25.32 -12.04 -1.98
C VAL E 114 -26.77 -12.34 -1.62
N LEU E 115 -27.07 -12.65 -0.35
CA LEU E 115 -28.45 -12.96 0.10
C LEU E 115 -29.39 -11.78 -0.22
N ASN E 116 -28.95 -10.55 0.05
CA ASN E 116 -29.76 -9.34 -0.24
C ASN E 116 -29.96 -9.19 -1.76
N LEU E 117 -28.93 -9.47 -2.57
CA LEU E 117 -29.04 -9.43 -4.06
C LEU E 117 -30.05 -10.49 -4.54
N TRP E 118 -29.97 -11.71 -4.00
CA TRP E 118 -30.90 -12.80 -4.39
C TRP E 118 -32.35 -12.40 -4.12
N GLN E 119 -32.60 -11.80 -2.96
CA GLN E 119 -33.95 -11.35 -2.53
C GLN E 119 -34.44 -10.23 -3.46
N LYS E 120 -33.63 -9.19 -3.60
CA LYS E 120 -33.94 -7.93 -4.36
C LYS E 120 -34.23 -8.31 -5.83
N ASN E 121 -33.42 -9.20 -6.40
CA ASN E 121 -33.46 -9.55 -7.85
C ASN E 121 -34.36 -10.78 -8.11
N GLY E 122 -34.96 -11.39 -7.08
CA GLY E 122 -36.02 -12.41 -7.25
C GLY E 122 -35.47 -13.81 -7.54
N VAL E 123 -34.22 -14.08 -7.16
CA VAL E 123 -33.55 -15.39 -7.40
C VAL E 123 -34.18 -16.46 -6.49
N PHE E 124 -34.36 -16.12 -5.22
CA PHE E 124 -35.08 -16.94 -4.22
C PHE E 124 -36.09 -16.05 -3.51
N LYS E 125 -37.20 -16.64 -3.09
CA LYS E 125 -38.26 -15.93 -2.33
C LYS E 125 -37.76 -15.64 -0.90
N ILE E 126 -38.39 -14.66 -0.25
CA ILE E 126 -37.98 -14.15 1.10
C ILE E 126 -38.09 -15.29 2.14
N GLU E 127 -39.00 -16.25 1.92
CA GLU E 127 -39.20 -17.43 2.82
C GLU E 127 -37.91 -18.25 2.91
N ILE E 128 -37.13 -18.30 1.82
CA ILE E 128 -35.84 -19.03 1.75
C ILE E 128 -34.74 -18.14 2.32
N ILE E 129 -34.72 -16.88 1.90
CA ILE E 129 -33.58 -15.95 2.19
C ILE E 129 -33.59 -15.52 3.66
N GLN E 130 -34.74 -15.20 4.25
CA GLN E 130 -34.75 -14.59 5.62
C GLN E 130 -34.06 -15.51 6.64
N PRO E 131 -34.37 -16.83 6.71
CA PRO E 131 -33.66 -17.70 7.65
C PRO E 131 -32.14 -17.67 7.48
N LEU E 132 -31.66 -17.50 6.24
CA LEU E 132 -30.19 -17.47 5.94
C LEU E 132 -29.59 -16.15 6.41
N LEU E 133 -30.35 -15.06 6.31
CA LEU E 133 -29.97 -13.76 6.91
C LEU E 133 -29.92 -13.88 8.44
N ASP E 134 -30.94 -14.48 9.06
CA ASP E 134 -31.04 -14.65 10.54
C ASP E 134 -29.80 -15.42 11.04
N MET E 135 -29.38 -16.43 10.28
CA MET E 135 -28.24 -17.34 10.58
C MET E 135 -26.93 -16.55 10.69
N ALA E 136 -26.80 -15.44 9.96
CA ALA E 136 -25.63 -14.53 10.06
C ALA E 136 -25.62 -13.88 11.44
N ALA E 137 -26.78 -13.32 11.85
CA ALA E 137 -26.97 -12.53 13.09
C ALA E 137 -27.53 -13.43 14.20
N SER F 2 -29.82 30.86 9.74
CA SER F 2 -29.09 31.44 10.91
C SER F 2 -27.64 31.73 10.53
N PRO F 3 -26.94 32.67 11.21
CA PRO F 3 -25.53 32.95 10.92
C PRO F 3 -24.58 31.79 11.26
N SER F 4 -23.57 31.60 10.42
CA SER F 4 -22.56 30.52 10.51
C SER F 4 -21.59 30.80 11.67
N TYR F 5 -21.10 29.73 12.31
CA TYR F 5 -20.07 29.82 13.36
C TYR F 5 -18.83 30.48 12.78
N SEP F 6 -18.21 31.36 13.56
CA SEP F 6 -16.97 31.99 13.19
CB SEP F 6 -17.23 33.45 12.86
OG SEP F 6 -15.95 34.11 12.78
C SEP F 6 -15.96 31.85 14.32
O SEP F 6 -16.32 32.11 15.48
P SEP F 6 -15.51 34.69 11.32
O1P SEP F 6 -15.45 33.50 10.38
O2P SEP F 6 -14.17 35.30 11.64
O3P SEP F 6 -16.60 35.67 10.98
N PRO F 7 -14.69 31.50 14.06
CA PRO F 7 -13.70 31.41 15.12
C PRO F 7 -13.18 32.73 15.69
N THR F 8 -13.70 33.86 15.22
CA THR F 8 -13.42 35.18 15.84
C THR F 8 -14.58 35.63 16.70
N SEP F 9 -15.66 34.84 16.78
CA SEP F 9 -16.83 35.24 17.57
CB SEP F 9 -18.06 34.50 17.14
OG SEP F 9 -18.44 35.02 15.86
C SEP F 9 -16.55 35.01 19.04
O SEP F 9 -16.07 33.96 19.45
P SEP F 9 -19.94 35.43 15.58
O1P SEP F 9 -20.80 34.17 15.41
O2P SEP F 9 -20.36 36.22 16.80
O3P SEP F 9 -19.81 36.22 14.30
N PRO F 10 -16.86 36.00 19.92
CA PRO F 10 -16.67 35.81 21.35
C PRO F 10 -17.38 34.56 21.88
N SER F 11 -16.79 33.91 22.88
CA SER F 11 -17.39 32.73 23.56
C SER F 11 -18.70 33.16 24.23
N TYR F 12 -19.69 32.27 24.31
CA TYR F 12 -21.01 32.55 24.93
C TYR F 12 -20.81 32.74 26.42
N SEP F 13 -21.73 33.51 27.04
CA SEP F 13 -21.71 33.74 28.47
CB SEP F 13 -21.95 35.23 28.76
OG SEP F 13 -20.89 36.02 28.16
C SEP F 13 -22.79 32.87 29.10
O SEP F 13 -23.69 32.43 28.40
P SEP F 13 -19.67 36.52 29.11
O1P SEP F 13 -19.08 35.25 29.69
O2P SEP F 13 -18.71 37.30 28.21
O3P SEP F 13 -20.30 37.41 30.20
N PRO F 14 -22.76 32.62 30.44
CA PRO F 14 -23.91 32.02 31.12
C PRO F 14 -25.13 32.95 31.05
N THR F 15 -26.34 32.37 30.94
CA THR F 15 -27.64 33.08 30.86
C THR F 15 -28.75 32.08 30.51
N SER G 2 30.59 -41.83 7.34
CA SER G 2 29.27 -41.25 7.77
C SER G 2 28.17 -41.73 6.82
N PRO G 3 27.05 -42.32 7.31
CA PRO G 3 26.00 -42.84 6.43
C PRO G 3 25.31 -41.76 5.58
N SER G 4 25.06 -42.12 4.32
CA SER G 4 24.46 -41.26 3.28
C SER G 4 22.96 -41.13 3.53
N TYR G 5 22.38 -40.03 3.07
CA TYR G 5 20.92 -39.81 3.12
C TYR G 5 20.22 -40.92 2.33
N SEP G 6 19.13 -41.41 2.92
CA SEP G 6 18.23 -42.35 2.26
CB SEP G 6 18.32 -43.71 2.94
OG SEP G 6 17.29 -44.54 2.39
C SEP G 6 16.79 -41.83 2.28
O SEP G 6 16.27 -41.44 3.33
P SEP G 6 17.73 -45.86 1.57
O1P SEP G 6 18.58 -46.62 2.55
O2P SEP G 6 18.50 -45.34 0.39
O3P SEP G 6 16.45 -46.50 1.16
N PRO G 7 16.08 -41.82 1.13
CA PRO G 7 14.69 -41.37 1.09
C PRO G 7 13.68 -42.33 1.73
N THR G 8 14.11 -43.49 2.24
CA THR G 8 13.24 -44.39 3.05
C THR G 8 13.44 -44.17 4.55
N SEP G 9 14.41 -43.36 4.96
CA SEP G 9 14.63 -43.14 6.39
CB SEP G 9 15.97 -42.54 6.64
OG SEP G 9 16.90 -43.56 6.32
C SEP G 9 13.52 -42.27 6.97
O SEP G 9 13.18 -41.23 6.41
P SEP G 9 18.12 -43.88 7.28
O1P SEP G 9 18.48 -45.32 6.94
O2P SEP G 9 17.62 -43.71 8.71
O3P SEP G 9 19.25 -42.92 6.91
N PRO G 10 12.96 -42.66 8.14
CA PRO G 10 11.91 -41.86 8.78
C PRO G 10 12.37 -40.45 9.12
N SER G 11 11.42 -39.51 9.14
CA SER G 11 11.64 -38.12 9.61
C SER G 11 12.03 -38.14 11.10
N TYR G 12 12.78 -37.15 11.58
CA TYR G 12 13.22 -37.05 13.01
C TYR G 12 12.10 -36.43 13.84
N SEP G 13 12.02 -36.78 15.14
CA SEP G 13 11.16 -36.07 16.06
CB SEP G 13 10.61 -37.00 17.15
OG SEP G 13 9.59 -37.86 16.55
C SEP G 13 11.98 -34.91 16.62
O SEP G 13 13.19 -35.05 16.81
P SEP G 13 8.02 -37.65 16.93
O1P SEP G 13 7.31 -38.93 16.49
O2P SEP G 13 7.95 -37.43 18.43
O3P SEP G 13 7.54 -36.42 16.15
N PRO G 14 11.42 -33.69 16.82
CA PRO G 14 12.15 -32.60 17.48
C PRO G 14 12.78 -33.06 18.82
N THR G 15 14.08 -33.35 18.80
CA THR G 15 14.88 -33.92 19.92
C THR G 15 15.15 -32.82 20.95
C11 BTN H 1 -3.14 -15.01 -12.80
O11 BTN H 1 -2.79 -16.01 -12.12
C10 BTN H 1 -4.41 -15.10 -13.61
C9 BTN H 1 -4.19 -16.10 -14.73
C8 BTN H 1 -5.53 -16.38 -15.38
C7 BTN H 1 -5.97 -17.79 -15.06
C2 BTN H 1 -6.99 -18.25 -16.09
S1 BTN H 1 -8.63 -18.08 -15.47
C6 BTN H 1 -9.19 -19.16 -16.75
C5 BTN H 1 -8.13 -20.25 -16.95
N1 BTN H 1 -8.28 -21.42 -16.08
C3 BTN H 1 -7.32 -21.56 -15.19
O3 BTN H 1 -7.26 -22.41 -14.32
N2 BTN H 1 -6.43 -20.59 -15.38
C4 BTN H 1 -6.78 -19.71 -16.49
N SER H 2 -2.52 -13.82 -13.01
CA SER H 2 -1.55 -13.48 -11.96
C SER H 2 -2.26 -13.48 -10.60
N PRO H 3 -1.72 -14.13 -9.55
CA PRO H 3 -2.33 -14.09 -8.22
C PRO H 3 -2.14 -12.69 -7.59
N SER H 4 -2.90 -12.39 -6.54
CA SER H 4 -2.80 -11.11 -5.82
C SER H 4 -1.39 -11.02 -5.20
N TYR H 5 -0.81 -9.84 -5.21
CA TYR H 5 0.51 -9.59 -4.58
C TYR H 5 0.45 -10.02 -3.12
N SEP H 6 1.57 -10.61 -2.65
CA SEP H 6 1.73 -11.00 -1.29
CB SEP H 6 1.78 -12.50 -1.17
OG SEP H 6 2.07 -12.83 0.18
C SEP H 6 3.03 -10.39 -0.75
O SEP H 6 4.08 -10.61 -1.36
P SEP H 6 0.98 -13.52 1.13
O1P SEP H 6 0.56 -14.80 0.45
O2P SEP H 6 -0.19 -12.48 1.24
O3P SEP H 6 1.61 -13.76 2.41
N PRO H 7 3.00 -9.74 0.43
CA PRO H 7 4.21 -9.19 1.03
C PRO H 7 5.18 -10.24 1.59
N THR H 8 4.85 -11.54 1.51
CA THR H 8 5.82 -12.61 1.88
C THR H 8 6.47 -13.23 0.64
N SEP H 9 6.05 -12.85 -0.57
CA SEP H 9 6.63 -13.44 -1.78
CB SEP H 9 5.72 -13.25 -2.98
OG SEP H 9 4.57 -14.08 -2.75
C SEP H 9 8.00 -12.81 -2.04
O SEP H 9 8.16 -11.59 -1.94
P SEP H 9 4.04 -15.06 -3.92
O1P SEP H 9 5.29 -15.68 -4.58
O2P SEP H 9 3.34 -14.19 -4.98
O3P SEP H 9 3.18 -15.99 -3.19
N PRO H 10 9.02 -13.61 -2.41
CA PRO H 10 10.34 -13.04 -2.72
C PRO H 10 10.35 -11.99 -3.84
N SER H 11 11.30 -11.07 -3.76
CA SER H 11 11.48 -9.99 -4.76
C SER H 11 11.82 -10.60 -6.13
N TYR H 12 11.42 -9.94 -7.22
CA TYR H 12 11.72 -10.47 -8.59
C TYR H 12 13.23 -10.38 -8.82
N SEP H 13 13.72 -11.27 -9.70
CA SEP H 13 15.12 -11.25 -10.11
CB SEP H 13 15.63 -12.68 -10.13
OG SEP H 13 15.59 -13.19 -8.78
C SEP H 13 15.26 -10.59 -11.46
O SEP H 13 14.31 -10.54 -12.23
P SEP H 13 16.94 -13.12 -7.88
O1P SEP H 13 17.95 -14.03 -8.56
O2P SEP H 13 16.52 -13.63 -6.51
O3P SEP H 13 17.41 -11.67 -7.92
N PRO H 14 16.48 -10.11 -11.82
CA PRO H 14 16.79 -9.71 -13.20
C PRO H 14 16.40 -10.82 -14.19
N THR H 15 15.84 -10.46 -15.35
CA THR H 15 15.24 -11.39 -16.35
C THR H 15 16.32 -12.30 -16.95
N SER I 2 17.68 22.91 10.65
CA SER I 2 17.00 23.36 9.40
C SER I 2 17.62 22.63 8.21
N PRO I 3 16.89 21.70 7.54
CA PRO I 3 17.39 21.06 6.33
C PRO I 3 17.62 22.09 5.22
N SER I 4 18.76 21.98 4.52
CA SER I 4 19.16 22.86 3.38
C SER I 4 18.35 22.53 2.12
N TYR I 5 18.09 23.54 1.28
CA TYR I 5 17.42 23.34 -0.02
C TYR I 5 18.23 22.37 -0.87
N SEP I 6 17.53 21.49 -1.58
CA SEP I 6 18.17 20.56 -2.50
CB SEP I 6 18.12 19.15 -1.95
OG SEP I 6 18.56 18.27 -2.99
C SEP I 6 17.46 20.63 -3.86
O SEP I 6 16.23 20.58 -3.90
P SEP I 6 19.93 17.48 -2.85
O1P SEP I 6 19.80 16.60 -1.59
O2P SEP I 6 21.00 18.53 -2.73
O3P SEP I 6 20.03 16.64 -4.10
N PRO I 7 18.21 20.76 -4.97
CA PRO I 7 17.58 20.86 -6.29
C PRO I 7 17.00 19.53 -6.83
N THR I 8 17.10 18.45 -6.07
CA THR I 8 16.40 17.18 -6.40
C THR I 8 15.12 17.00 -5.61
N SEP I 9 14.83 17.87 -4.63
CA SEP I 9 13.62 17.70 -3.82
CB SEP I 9 13.73 18.42 -2.51
OG SEP I 9 14.70 17.69 -1.73
C SEP I 9 12.38 18.11 -4.59
O SEP I 9 12.41 19.04 -5.40
P SEP I 9 14.44 17.42 -0.19
O1P SEP I 9 15.45 16.34 0.07
O2P SEP I 9 12.98 17.01 -0.01
O3P SEP I 9 14.71 18.72 0.55
N PRO I 10 11.22 17.44 -4.35
CA PRO I 10 10.00 17.74 -5.09
C PRO I 10 9.25 18.97 -4.56
N SER I 11 8.14 19.32 -5.22
CA SER I 11 7.41 20.60 -5.03
C SER I 11 6.54 20.50 -3.78
N TYR I 12 6.11 21.63 -3.23
CA TYR I 12 5.21 21.67 -2.04
C TYR I 12 3.78 21.82 -2.55
N SEP I 13 2.82 21.62 -1.65
CA SEP I 13 1.42 21.81 -1.98
CB SEP I 13 0.58 20.75 -1.32
OG SEP I 13 -0.80 21.17 -1.44
C SEP I 13 1.00 23.21 -1.55
O SEP I 13 1.15 23.57 -0.39
P SEP I 13 -1.92 20.06 -1.67
O1P SEP I 13 -1.36 18.82 -1.01
O2P SEP I 13 -3.19 20.60 -0.98
O3P SEP I 13 -2.08 19.93 -3.19
N PRO I 14 0.46 24.05 -2.47
CA PRO I 14 0.11 25.43 -2.13
C PRO I 14 -1.18 25.58 -1.30
N THR I 15 -1.39 26.81 -0.81
CA THR I 15 -2.64 27.30 -0.15
C THR I 15 -3.14 28.53 -0.93
C11 BTN J 1 -7.31 -9.29 -15.63
O11 BTN J 1 -7.78 -8.15 -15.32
C10 BTN J 1 -5.94 -9.48 -16.25
C9 BTN J 1 -4.93 -8.59 -15.56
C8 BTN J 1 -4.78 -7.31 -16.36
C7 BTN J 1 -3.69 -6.49 -15.72
C2 BTN J 1 -2.33 -6.77 -16.37
S1 BTN J 1 -1.06 -6.59 -15.13
C6 BTN J 1 0.17 -6.46 -16.39
C5 BTN J 1 -0.47 -5.53 -17.42
N1 BTN J 1 -0.46 -4.16 -16.96
C3 BTN J 1 -1.65 -3.61 -16.85
O3 BTN J 1 -1.89 -2.50 -16.39
N2 BTN J 1 -2.54 -4.50 -17.25
C4 BTN J 1 -1.96 -5.81 -17.50
N SER J 2 -7.89 -10.48 -15.41
CA SER J 2 -9.35 -10.50 -15.09
C SER J 2 -9.57 -9.97 -13.67
N PRO J 3 -10.54 -9.06 -13.45
CA PRO J 3 -10.87 -8.61 -12.11
C PRO J 3 -11.56 -9.74 -11.33
N SER J 4 -11.65 -9.59 -10.00
CA SER J 4 -12.33 -10.56 -9.12
C SER J 4 -13.81 -10.59 -9.51
N TYR J 5 -14.42 -11.76 -9.43
CA TYR J 5 -15.87 -11.96 -9.73
C TYR J 5 -16.72 -11.03 -8.87
N SEP J 6 -17.79 -10.50 -9.48
CA SEP J 6 -18.75 -9.68 -8.78
CB SEP J 6 -18.63 -8.25 -9.29
OG SEP J 6 -19.71 -7.50 -8.74
C SEP J 6 -20.18 -10.21 -8.96
O SEP J 6 -20.61 -10.40 -10.10
P SEP J 6 -19.42 -6.35 -7.62
O1P SEP J 6 -18.62 -7.04 -6.52
O2P SEP J 6 -20.74 -5.91 -7.16
O3P SEP J 6 -18.65 -5.26 -8.35
N PRO J 7 -20.98 -10.41 -7.89
CA PRO J 7 -22.36 -10.88 -8.01
C PRO J 7 -23.35 -9.85 -8.60
N THR J 8 -22.90 -8.62 -8.92
CA THR J 8 -23.76 -7.65 -9.69
C THR J 8 -23.38 -7.63 -11.17
N SEP J 9 -22.35 -8.36 -11.59
CA SEP J 9 -21.96 -8.33 -12.99
CB SEP J 9 -20.54 -8.81 -13.18
OG SEP J 9 -19.67 -7.77 -12.68
C SEP J 9 -22.96 -9.11 -13.84
O SEP J 9 -23.48 -10.13 -13.41
P SEP J 9 -18.45 -7.21 -13.53
O1P SEP J 9 -17.28 -8.16 -13.40
O2P SEP J 9 -18.93 -7.10 -14.96
O3P SEP J 9 -18.19 -5.86 -12.85
N PRO J 10 -23.26 -8.65 -15.07
CA PRO J 10 -24.24 -9.29 -15.92
C PRO J 10 -23.74 -10.60 -16.51
N SER J 11 -24.63 -11.33 -17.16
N SER J 11 -24.65 -11.27 -17.22
CA SER J 11 -24.38 -12.70 -17.70
CA SER J 11 -24.44 -12.55 -17.92
C SER J 11 -23.58 -12.57 -19.00
C SER J 11 -23.32 -12.41 -18.93
N TYR J 12 -22.70 -13.55 -19.25
CA TYR J 12 -21.86 -13.67 -20.46
C TYR J 12 -22.67 -14.28 -21.58
N SEP J 13 -22.12 -14.10 -22.78
CA SEP J 13 -22.73 -14.62 -23.97
CB SEP J 13 -22.52 -13.64 -25.10
OG SEP J 13 -22.95 -14.29 -26.31
C SEP J 13 -22.08 -15.96 -24.28
O SEP J 13 -20.88 -16.02 -24.46
P SEP J 13 -23.68 -13.44 -27.46
O1P SEP J 13 -23.15 -14.03 -28.76
O2P SEP J 13 -23.28 -12.00 -27.28
O3P SEP J 13 -25.15 -13.73 -27.24
N PRO J 14 -22.84 -17.08 -24.30
CA PRO J 14 -22.24 -18.38 -24.58
C PRO J 14 -21.85 -18.57 -26.05
N THR J 15 -20.94 -19.50 -26.28
CA THR J 15 -20.56 -20.05 -27.61
C THR J 15 -21.28 -21.39 -27.81
UNK UNX K . 18.99 -46.57 -7.23
UNK UNX L . -5.30 13.85 30.02
UNK UNX M . 9.46 18.69 -9.95
UNK UNX N . 2.32 -13.50 -12.08
UNK UNX O . 13.12 -10.24 -0.44
UNK UNX P . 8.76 37.37 -21.89
UNK UNX Q . 28.58 19.10 -5.62
UNK UNX R . -23.53 -41.76 -8.54
UNK UNX S . -13.04 34.39 23.63
UNK UNX T . -24.38 -14.62 -15.04
UNK UNX U . -20.20 -21.69 -24.05
UNK UNX V . -28.21 -11.41 -15.32
#